data_2PYH
#
_entry.id   2PYH
#
_cell.length_a   169.551
_cell.length_b   121.790
_cell.length_c   45.068
_cell.angle_alpha   90.00
_cell.angle_beta   90.00
_cell.angle_gamma   90.00
#
_symmetry.space_group_name_H-M   'P 21 21 2'
#
loop_
_entity.id
_entity.type
_entity.pdbx_description
1 polymer 'Poly(beta-D-mannuronate) C5 epimerase 4'
2 branched 'alpha-D-mannopyranuronic acid-(1-4)-alpha-D-mannopyranuronic acid-(1-4)-alpha-D-mannopyranuronic acid'
3 non-polymer 'CALCIUM ION'
4 water water
#
_entity_poly.entity_id   1
_entity_poly.type   'polypeptide(L)'
_entity_poly.pdbx_seq_one_letter_code
;MDYNVKDFGALGDGVSDDRASIQAAIDAAYAAGGGTVYLPAGEYRVSAAGEPGDGCLMLKDGVYLAGAGMGETVIKLIDG
SDQKITGMVRSAYGEETSNFGMRDLTLDGNRDNTSGKVDGWFNGYIPGGDGADRDVTIERVEVREMSGYGFDPHEQTINL
TIRDSVAHDNGLDGFVADYLVDSVFENNVAYANDRHGFNVVTSTHDFVMTNNVAYGNGSSGLVVQRGLEDLALPSNILID
GGAYYDNAREGVLLKMTSDITLQNADIHGNGSSGVRVYGAQDVQILDNQIHDNAQAAAVPEVLLQSFDDTAGASGTYYTT
LNTRIEGNTISGSANSTYGIQERNDGTDYSSLIDNDIAGVQQPIQLYGPHSTVSGEP
;
_entity_poly.pdbx_strand_id   A,B
#
loop_
_chem_comp.id
_chem_comp.type
_chem_comp.name
_chem_comp.formula
CA non-polymer 'CALCIUM ION' 'Ca 2'
MAV D-saccharide, alpha linking 'alpha-D-mannopyranuronic acid' 'C6 H10 O7'
#
# COMPACT_ATOMS: atom_id res chain seq x y z
N MET A 1 -60.82 11.64 -3.57
CA MET A 1 -61.27 12.38 -2.40
C MET A 1 -60.80 11.75 -1.09
N ASP A 2 -60.96 12.49 0.01
CA ASP A 2 -60.58 12.05 1.35
C ASP A 2 -61.81 11.59 2.13
N TYR A 3 -61.58 10.78 3.17
CA TYR A 3 -62.67 10.26 4.00
C TYR A 3 -62.21 10.10 5.44
N ASN A 4 -63.16 9.81 6.32
CA ASN A 4 -62.87 9.54 7.72
C ASN A 4 -63.30 8.09 7.92
N VAL A 5 -62.40 7.26 8.44
CA VAL A 5 -62.67 5.84 8.64
C VAL A 5 -63.91 5.58 9.50
N LYS A 6 -64.11 6.37 10.54
CA LYS A 6 -65.27 6.16 11.39
C LYS A 6 -66.55 6.35 10.57
N ASP A 7 -66.41 6.99 9.42
CA ASP A 7 -67.54 7.20 8.52
C ASP A 7 -67.82 5.89 7.79
N PHE A 8 -66.92 4.93 7.94
CA PHE A 8 -67.11 3.65 7.30
C PHE A 8 -67.28 2.54 8.33
N GLY A 9 -67.69 2.91 9.54
CA GLY A 9 -67.90 1.91 10.57
C GLY A 9 -66.80 1.75 11.60
N ALA A 10 -65.58 2.18 11.25
CA ALA A 10 -64.43 2.10 12.15
C ALA A 10 -64.69 2.80 13.48
N LEU A 11 -64.62 2.03 14.57
CA LEU A 11 -64.86 2.53 15.92
C LEU A 11 -63.61 3.08 16.58
N GLY A 12 -62.56 2.26 16.63
CA GLY A 12 -61.31 2.66 17.26
C GLY A 12 -61.39 2.61 18.77
N ASP A 13 -62.05 1.58 19.30
CA ASP A 13 -62.25 1.42 20.75
C ASP A 13 -61.28 0.42 21.38
N GLY A 14 -60.22 0.09 20.65
CA GLY A 14 -59.22 -0.83 21.17
C GLY A 14 -59.68 -2.27 21.25
N VAL A 15 -60.86 -2.57 20.72
CA VAL A 15 -61.41 -3.92 20.74
C VAL A 15 -61.98 -4.35 19.39
N SER A 16 -62.98 -3.61 18.91
CA SER A 16 -63.65 -3.92 17.65
C SER A 16 -62.71 -4.03 16.46
N ASP A 17 -62.83 -5.13 15.71
CA ASP A 17 -62.04 -5.34 14.50
C ASP A 17 -62.44 -4.31 13.43
N ASP A 18 -61.68 -3.23 13.32
CA ASP A 18 -61.99 -2.17 12.36
C ASP A 18 -61.34 -2.39 10.99
N ARG A 19 -61.04 -3.64 10.64
CA ARG A 19 -60.39 -3.92 9.36
C ARG A 19 -61.23 -3.57 8.13
N ALA A 20 -62.33 -4.29 7.93
CA ALA A 20 -63.20 -4.06 6.79
C ALA A 20 -63.61 -2.58 6.68
N SER A 21 -63.91 -1.96 7.82
CA SER A 21 -64.28 -0.53 7.84
C SER A 21 -63.17 0.32 7.20
N ILE A 22 -61.97 0.23 7.77
CA ILE A 22 -60.81 0.97 7.30
C ILE A 22 -60.53 0.70 5.82
N GLN A 23 -60.54 -0.58 5.47
CA GLN A 23 -60.26 -1.03 4.10
C GLN A 23 -61.30 -0.44 3.14
N ALA A 24 -62.53 -0.30 3.61
CA ALA A 24 -63.58 0.30 2.79
C ALA A 24 -63.14 1.71 2.39
N ALA A 25 -62.85 2.54 3.39
CA ALA A 25 -62.40 3.91 3.16
C ALA A 25 -61.26 3.92 2.16
N ILE A 26 -60.33 2.97 2.28
CA ILE A 26 -59.22 2.91 1.34
C ILE A 26 -59.77 2.65 -0.06
N ASP A 27 -60.73 1.73 -0.17
CA ASP A 27 -61.32 1.43 -1.46
C ASP A 27 -62.03 2.68 -2.00
N ALA A 28 -62.80 3.34 -1.15
CA ALA A 28 -63.48 4.57 -1.56
C ALA A 28 -62.47 5.51 -2.19
N ALA A 29 -61.42 5.83 -1.43
CA ALA A 29 -60.39 6.72 -1.92
C ALA A 29 -59.80 6.20 -3.21
N TYR A 30 -59.64 4.88 -3.30
CA TYR A 30 -59.09 4.28 -4.52
C TYR A 30 -60.02 4.56 -5.70
N ALA A 31 -61.31 4.42 -5.45
CA ALA A 31 -62.35 4.67 -6.47
C ALA A 31 -62.30 6.12 -6.95
N ALA A 32 -62.32 7.05 -5.99
CA ALA A 32 -62.31 8.48 -6.26
C ALA A 32 -61.06 8.92 -7.05
N GLY A 33 -60.12 7.99 -7.24
CA GLY A 33 -58.91 8.30 -7.99
C GLY A 33 -57.74 8.75 -7.13
N GLY A 34 -57.87 8.57 -5.83
CA GLY A 34 -56.83 8.96 -4.89
C GLY A 34 -57.40 9.40 -3.56
N GLY A 35 -56.57 9.98 -2.70
CA GLY A 35 -57.08 10.45 -1.42
C GLY A 35 -56.35 10.01 -0.16
N THR A 36 -56.69 10.71 0.93
CA THR A 36 -56.11 10.50 2.25
C THR A 36 -57.13 9.93 3.23
N VAL A 37 -57.06 8.63 3.46
CA VAL A 37 -57.97 8.00 4.42
C VAL A 37 -57.49 8.39 5.81
N TYR A 38 -58.37 9.02 6.59
CA TYR A 38 -58.02 9.47 7.93
C TYR A 38 -58.60 8.61 9.02
N LEU A 39 -57.91 8.58 10.16
CA LEU A 39 -58.35 7.84 11.34
C LEU A 39 -58.06 8.74 12.54
N PRO A 40 -59.10 9.15 13.27
CA PRO A 40 -58.88 10.01 14.44
C PRO A 40 -58.05 9.27 15.49
N ALA A 41 -57.72 9.96 16.57
CA ALA A 41 -56.97 9.34 17.64
C ALA A 41 -57.74 8.12 18.17
N GLY A 42 -57.05 7.23 18.87
CA GLY A 42 -57.69 6.03 19.40
C GLY A 42 -56.96 4.78 18.95
N GLU A 43 -57.41 3.61 19.42
CA GLU A 43 -56.77 2.34 19.07
C GLU A 43 -57.65 1.45 18.18
N TYR A 44 -57.23 1.22 16.94
CA TYR A 44 -57.99 0.39 16.02
C TYR A 44 -57.41 -1.02 15.93
N ARG A 45 -58.19 -2.01 16.35
CA ARG A 45 -57.76 -3.40 16.27
C ARG A 45 -58.05 -4.00 14.89
N VAL A 46 -57.11 -4.77 14.35
CA VAL A 46 -57.31 -5.38 13.04
C VAL A 46 -56.92 -6.86 13.03
N SER A 47 -57.71 -7.65 12.31
CA SER A 47 -57.48 -9.09 12.18
C SER A 47 -56.84 -9.31 10.81
N ALA A 48 -56.25 -10.48 10.60
CA ALA A 48 -55.63 -10.78 9.32
C ALA A 48 -56.71 -10.74 8.25
N ALA A 49 -56.35 -10.23 7.06
CA ALA A 49 -57.31 -10.13 5.97
C ALA A 49 -57.28 -11.36 5.06
N GLY A 50 -57.06 -12.53 5.66
CA GLY A 50 -57.03 -13.75 4.89
C GLY A 50 -55.69 -14.47 4.98
N GLU A 51 -55.01 -14.60 3.86
CA GLU A 51 -53.72 -15.26 3.82
C GLU A 51 -52.60 -14.26 4.12
N PRO A 52 -51.37 -14.75 4.28
CA PRO A 52 -50.22 -13.88 4.56
C PRO A 52 -50.01 -12.74 3.55
N GLY A 53 -50.11 -13.05 2.25
CA GLY A 53 -49.90 -12.05 1.24
C GLY A 53 -51.00 -11.01 1.12
N ASP A 54 -52.03 -11.14 1.96
CA ASP A 54 -53.14 -10.22 1.93
C ASP A 54 -53.01 -9.17 3.02
N GLY A 55 -52.11 -9.41 3.96
CA GLY A 55 -51.88 -8.48 5.05
C GLY A 55 -53.14 -8.20 5.83
N CYS A 56 -53.26 -6.98 6.34
CA CYS A 56 -54.44 -6.57 7.08
C CYS A 56 -55.23 -5.57 6.23
N LEU A 57 -54.66 -4.37 6.12
CA LEU A 57 -55.25 -3.30 5.33
C LEU A 57 -54.42 -3.22 4.05
N MET A 58 -55.11 -3.08 2.92
CA MET A 58 -54.45 -2.98 1.62
C MET A 58 -54.60 -1.58 1.02
N LEU A 59 -53.55 -1.09 0.37
CA LEU A 59 -53.60 0.21 -0.27
C LEU A 59 -53.50 0.02 -1.78
N LYS A 60 -54.12 0.92 -2.54
CA LYS A 60 -54.06 0.88 -3.99
C LYS A 60 -53.66 2.27 -4.45
N ASP A 61 -53.28 2.39 -5.73
CA ASP A 61 -52.87 3.66 -6.30
C ASP A 61 -53.63 4.88 -5.77
N GLY A 62 -52.87 5.92 -5.44
CA GLY A 62 -53.46 7.16 -4.95
C GLY A 62 -54.02 7.22 -3.54
N VAL A 63 -53.77 6.21 -2.71
CA VAL A 63 -54.31 6.24 -1.35
C VAL A 63 -53.26 6.39 -0.26
N TYR A 64 -53.58 7.20 0.74
CA TYR A 64 -52.67 7.44 1.87
C TYR A 64 -53.42 7.29 3.19
N LEU A 65 -52.74 6.85 4.23
CA LEU A 65 -53.35 6.73 5.54
C LEU A 65 -52.77 7.84 6.40
N ALA A 66 -53.61 8.47 7.21
CA ALA A 66 -53.14 9.54 8.08
C ALA A 66 -53.87 9.41 9.40
N GLY A 67 -53.18 9.73 10.49
CA GLY A 67 -53.79 9.63 11.81
C GLY A 67 -53.58 10.88 12.64
N ALA A 68 -53.91 10.79 13.91
CA ALA A 68 -53.78 11.92 14.82
C ALA A 68 -52.34 12.09 15.26
N GLY A 69 -51.42 11.42 14.57
CA GLY A 69 -50.01 11.49 14.93
C GLY A 69 -49.55 10.22 15.64
N MET A 70 -48.24 9.98 15.66
CA MET A 70 -47.68 8.82 16.33
C MET A 70 -48.16 8.79 17.77
N GLY A 71 -48.28 7.60 18.34
CA GLY A 71 -48.74 7.49 19.71
C GLY A 71 -50.20 7.89 19.93
N GLU A 72 -50.79 8.59 18.96
CA GLU A 72 -52.20 9.01 19.05
C GLU A 72 -53.11 8.01 18.37
N THR A 73 -52.82 7.75 17.09
CA THR A 73 -53.57 6.78 16.32
C THR A 73 -52.73 5.51 16.35
N VAL A 74 -53.34 4.41 16.78
CA VAL A 74 -52.62 3.14 16.87
C VAL A 74 -53.39 1.99 16.26
N ILE A 75 -52.81 1.36 15.24
CA ILE A 75 -53.44 0.20 14.61
C ILE A 75 -52.74 -1.02 15.19
N LYS A 76 -53.47 -1.76 16.03
CA LYS A 76 -52.92 -2.92 16.72
C LYS A 76 -53.63 -4.22 16.36
N LEU A 77 -52.85 -5.25 16.02
CA LEU A 77 -53.40 -6.58 15.70
C LEU A 77 -54.23 -7.03 16.90
N ILE A 78 -55.22 -7.88 16.67
CA ILE A 78 -56.10 -8.33 17.77
C ILE A 78 -55.47 -9.41 18.65
N ASP A 79 -55.52 -9.19 19.97
CA ASP A 79 -54.96 -10.15 20.91
C ASP A 79 -55.44 -11.52 20.52
N GLY A 80 -54.52 -12.40 20.15
CA GLY A 80 -54.91 -13.74 19.78
C GLY A 80 -54.55 -14.12 18.35
N SER A 81 -54.24 -13.14 17.52
CA SER A 81 -53.87 -13.40 16.14
C SER A 81 -52.80 -14.49 16.10
N ASP A 82 -52.80 -15.29 15.04
CA ASP A 82 -51.84 -16.37 14.95
C ASP A 82 -51.58 -16.86 13.53
N GLN A 83 -51.05 -15.99 12.69
CA GLN A 83 -50.75 -16.41 11.33
C GLN A 83 -49.80 -15.43 10.68
N LYS A 84 -48.96 -15.94 9.77
CA LYS A 84 -48.04 -15.08 9.05
C LYS A 84 -48.86 -13.98 8.37
N ILE A 85 -48.50 -12.73 8.65
CA ILE A 85 -49.16 -11.59 8.05
C ILE A 85 -48.10 -10.72 7.38
N THR A 86 -47.84 -10.96 6.11
CA THR A 86 -46.83 -10.22 5.38
C THR A 86 -47.18 -8.73 5.16
N GLY A 87 -47.47 -8.01 6.25
CA GLY A 87 -47.78 -6.60 6.12
C GLY A 87 -49.11 -6.16 6.70
N MET A 88 -49.09 -5.60 7.90
CA MET A 88 -50.32 -5.13 8.53
C MET A 88 -50.94 -4.02 7.69
N VAL A 89 -50.11 -3.38 6.87
CA VAL A 89 -50.52 -2.33 5.96
C VAL A 89 -49.67 -2.63 4.74
N ARG A 90 -50.29 -2.89 3.59
CA ARG A 90 -49.48 -3.22 2.41
C ARG A 90 -50.08 -2.86 1.06
N SER A 91 -49.30 -3.13 0.00
CA SER A 91 -49.72 -2.93 -1.38
C SER A 91 -49.81 -4.33 -2.00
N ALA A 92 -50.66 -4.49 -3.01
CA ALA A 92 -50.88 -5.80 -3.62
C ALA A 92 -49.68 -6.38 -4.36
N TYR A 93 -49.57 -7.71 -4.26
CA TYR A 93 -48.54 -8.46 -4.95
C TYR A 93 -48.84 -8.32 -6.44
N GLY A 94 -47.82 -8.48 -7.28
CA GLY A 94 -48.01 -8.39 -8.72
C GLY A 94 -48.72 -7.15 -9.26
N GLU A 95 -49.12 -6.25 -8.36
CA GLU A 95 -49.79 -5.02 -8.74
C GLU A 95 -48.85 -3.84 -8.57
N GLU A 96 -48.51 -3.17 -9.66
CA GLU A 96 -47.65 -2.00 -9.60
C GLU A 96 -48.42 -0.82 -9.02
N THR A 97 -48.36 -0.66 -7.70
CA THR A 97 -49.04 0.43 -7.00
C THR A 97 -48.18 1.69 -6.99
N SER A 98 -48.82 2.84 -7.20
CA SER A 98 -48.11 4.12 -7.23
C SER A 98 -48.91 5.16 -6.46
N ASN A 99 -48.20 6.11 -5.84
CA ASN A 99 -48.83 7.17 -5.07
C ASN A 99 -49.62 6.67 -3.88
N PHE A 100 -48.93 6.23 -2.84
CA PHE A 100 -49.60 5.76 -1.63
C PHE A 100 -48.65 5.85 -0.45
N GLY A 101 -49.18 5.68 0.75
CA GLY A 101 -48.35 5.75 1.93
C GLY A 101 -49.15 6.06 3.17
N MET A 102 -48.49 6.59 4.19
CA MET A 102 -49.13 6.92 5.45
C MET A 102 -48.33 7.94 6.26
N ARG A 103 -48.97 8.50 7.27
CA ARG A 103 -48.31 9.48 8.11
C ARG A 103 -48.99 9.65 9.46
N ASP A 104 -48.18 10.02 10.45
CA ASP A 104 -48.65 10.32 11.80
C ASP A 104 -49.52 9.23 12.43
N LEU A 105 -48.96 8.04 12.55
CA LEU A 105 -49.66 6.92 13.15
C LEU A 105 -48.70 5.83 13.59
N THR A 106 -49.21 4.93 14.42
CA THR A 106 -48.43 3.85 14.98
C THR A 106 -49.04 2.48 14.67
N LEU A 107 -48.22 1.58 14.12
CA LEU A 107 -48.67 0.22 13.87
C LEU A 107 -48.10 -0.66 14.98
N ASP A 108 -48.96 -1.34 15.72
CA ASP A 108 -48.51 -2.22 16.80
C ASP A 108 -48.78 -3.66 16.39
N GLY A 109 -47.71 -4.43 16.12
CA GLY A 109 -47.86 -5.80 15.71
C GLY A 109 -48.33 -6.72 16.82
N ASN A 110 -48.33 -6.20 18.04
CA ASN A 110 -48.78 -6.93 19.24
C ASN A 110 -48.28 -8.38 19.24
N ARG A 111 -46.96 -8.55 19.31
CA ARG A 111 -46.36 -9.87 19.27
C ARG A 111 -46.41 -10.65 20.58
N ASP A 112 -46.45 -9.92 21.69
CA ASP A 112 -46.51 -10.57 23.00
C ASP A 112 -47.74 -11.46 23.14
N ASN A 113 -48.88 -10.99 22.62
CA ASN A 113 -50.14 -11.73 22.72
C ASN A 113 -50.56 -12.41 21.40
N THR A 114 -49.62 -12.71 20.53
CA THR A 114 -49.95 -13.33 19.25
C THR A 114 -48.86 -14.28 18.80
N SER A 115 -49.10 -14.94 17.67
CA SER A 115 -48.11 -15.83 17.09
C SER A 115 -48.20 -15.74 15.57
N GLY A 116 -47.11 -16.10 14.90
CA GLY A 116 -47.07 -15.99 13.45
C GLY A 116 -46.17 -14.81 13.15
N LYS A 117 -45.51 -14.84 12.00
CA LYS A 117 -44.61 -13.77 11.61
C LYS A 117 -45.36 -12.57 11.05
N VAL A 118 -45.48 -11.52 11.86
CA VAL A 118 -46.17 -10.29 11.46
C VAL A 118 -45.19 -9.16 11.14
N ASP A 119 -45.29 -8.62 9.93
CA ASP A 119 -44.47 -7.50 9.50
C ASP A 119 -45.35 -6.23 9.47
N GLY A 120 -44.84 -5.12 9.98
CA GLY A 120 -45.62 -3.89 10.00
C GLY A 120 -46.05 -3.38 8.63
N TRP A 121 -45.07 -2.96 7.83
CA TRP A 121 -45.32 -2.45 6.49
C TRP A 121 -44.64 -3.29 5.43
N PHE A 122 -45.36 -3.55 4.35
CA PHE A 122 -44.83 -4.31 3.23
C PHE A 122 -45.44 -3.77 1.94
N ASN A 123 -44.60 -3.55 0.93
CA ASN A 123 -45.05 -3.11 -0.38
C ASN A 123 -44.06 -3.56 -1.45
N GLY A 124 -44.58 -3.82 -2.64
CA GLY A 124 -43.74 -4.27 -3.72
C GLY A 124 -44.55 -4.94 -4.81
N TYR A 125 -43.89 -5.16 -5.95
CA TYR A 125 -44.51 -5.77 -7.12
C TYR A 125 -44.38 -7.28 -7.06
N ILE A 126 -43.31 -7.79 -7.66
CA ILE A 126 -43.08 -9.23 -7.72
C ILE A 126 -41.63 -9.57 -7.45
N PRO A 127 -41.37 -10.26 -6.32
CA PRO A 127 -39.99 -10.63 -5.99
C PRO A 127 -39.41 -11.50 -7.11
N GLY A 128 -38.46 -10.95 -7.84
CA GLY A 128 -37.86 -11.69 -8.93
C GLY A 128 -38.53 -11.34 -10.26
N GLY A 129 -39.53 -10.44 -10.19
CA GLY A 129 -40.27 -10.00 -11.37
C GLY A 129 -39.94 -8.60 -11.86
N ASP A 130 -40.42 -8.28 -13.06
CA ASP A 130 -40.17 -7.00 -13.71
C ASP A 130 -41.30 -6.03 -13.40
N GLY A 131 -40.97 -4.90 -12.80
CA GLY A 131 -41.98 -3.92 -12.45
C GLY A 131 -41.79 -3.49 -11.01
N ALA A 132 -42.56 -2.52 -10.55
CA ALA A 132 -42.39 -2.04 -9.19
C ALA A 132 -43.48 -1.09 -8.71
N ASP A 133 -43.49 -0.85 -7.40
CA ASP A 133 -44.40 0.15 -6.83
C ASP A 133 -43.61 1.45 -7.03
N ARG A 134 -44.33 2.57 -7.10
CA ARG A 134 -43.66 3.86 -7.29
C ARG A 134 -44.22 4.97 -6.44
N ASP A 135 -43.36 5.94 -6.19
CA ASP A 135 -43.73 7.14 -5.45
C ASP A 135 -44.56 6.82 -4.21
N VAL A 136 -43.89 6.19 -3.24
CA VAL A 136 -44.51 5.82 -1.97
C VAL A 136 -44.01 6.84 -0.96
N THR A 137 -44.77 7.04 0.10
CA THR A 137 -44.39 8.03 1.11
C THR A 137 -44.90 7.72 2.50
N ILE A 138 -43.95 7.55 3.42
CA ILE A 138 -44.26 7.29 4.81
C ILE A 138 -43.64 8.45 5.58
N GLU A 139 -44.37 8.99 6.55
CA GLU A 139 -43.90 10.12 7.35
C GLU A 139 -44.33 10.04 8.79
N ARG A 140 -43.40 10.36 9.68
CA ARG A 140 -43.68 10.32 11.11
C ARG A 140 -44.58 9.15 11.46
N VAL A 141 -44.08 7.94 11.21
CA VAL A 141 -44.78 6.69 11.49
C VAL A 141 -43.97 5.84 12.47
N GLU A 142 -44.65 5.21 13.42
CA GLU A 142 -43.99 4.35 14.39
C GLU A 142 -44.45 2.90 14.21
N VAL A 143 -43.50 2.00 14.01
CA VAL A 143 -43.83 0.59 13.88
C VAL A 143 -43.11 -0.18 14.98
N ARG A 144 -43.90 -0.77 15.87
CA ARG A 144 -43.36 -1.48 17.02
C ARG A 144 -44.09 -2.78 17.26
N GLU A 145 -43.43 -3.66 17.99
CA GLU A 145 -43.99 -4.94 18.42
C GLU A 145 -44.31 -5.98 17.37
N MET A 146 -43.81 -5.80 16.15
CA MET A 146 -44.03 -6.81 15.11
C MET A 146 -43.16 -7.99 15.51
N SER A 147 -43.61 -9.20 15.20
CA SER A 147 -42.80 -10.36 15.50
C SER A 147 -41.77 -10.56 14.38
N GLY A 148 -41.95 -9.83 13.27
CA GLY A 148 -41.01 -9.92 12.16
C GLY A 148 -40.32 -8.59 11.87
N TYR A 149 -40.43 -8.10 10.64
CA TYR A 149 -39.83 -6.82 10.31
C TYR A 149 -40.70 -5.64 10.74
N GLY A 150 -40.06 -4.48 10.92
CA GLY A 150 -40.79 -3.27 11.25
C GLY A 150 -41.30 -2.67 9.95
N PHE A 151 -40.42 -2.02 9.19
CA PHE A 151 -40.77 -1.47 7.87
C PHE A 151 -40.11 -2.38 6.86
N ASP A 152 -40.91 -2.92 5.93
CA ASP A 152 -40.36 -3.85 4.94
C ASP A 152 -40.60 -3.47 3.46
N PRO A 153 -40.28 -2.22 3.06
CA PRO A 153 -40.49 -1.91 1.63
C PRO A 153 -39.76 -2.96 0.79
N HIS A 154 -40.51 -3.73 0.01
CA HIS A 154 -39.91 -4.84 -0.73
C HIS A 154 -39.78 -4.71 -2.24
N GLU A 155 -39.02 -5.63 -2.81
CA GLU A 155 -38.73 -5.69 -4.24
C GLU A 155 -39.95 -5.68 -5.15
N GLN A 156 -40.04 -4.64 -5.96
CA GLN A 156 -39.05 -3.58 -5.90
C GLN A 156 -39.78 -2.26 -5.87
N THR A 157 -39.28 -1.32 -5.10
CA THR A 157 -39.89 -0.01 -5.01
C THR A 157 -38.97 1.07 -5.59
N ILE A 158 -39.59 1.99 -6.31
CA ILE A 158 -38.85 3.08 -6.94
C ILE A 158 -39.34 4.40 -6.40
N ASN A 159 -38.39 5.28 -6.11
CA ASN A 159 -38.71 6.58 -5.56
C ASN A 159 -39.56 6.43 -4.30
N LEU A 160 -38.98 5.79 -3.28
CA LEU A 160 -39.62 5.61 -1.97
C LEU A 160 -39.05 6.62 -0.98
N THR A 161 -39.88 7.07 -0.04
CA THR A 161 -39.46 8.02 0.99
C THR A 161 -40.00 7.67 2.37
N ILE A 162 -39.09 7.27 3.26
CA ILE A 162 -39.47 7.03 4.65
C ILE A 162 -38.70 8.04 5.47
N ARG A 163 -39.39 9.05 5.99
CA ARG A 163 -38.70 10.05 6.80
C ARG A 163 -39.32 10.26 8.17
N ASP A 164 -38.47 10.71 9.10
CA ASP A 164 -38.84 10.97 10.48
C ASP A 164 -39.70 9.88 11.09
N SER A 165 -39.30 8.62 10.92
CA SER A 165 -40.08 7.51 11.45
C SER A 165 -39.34 6.71 12.55
N VAL A 166 -40.06 5.83 13.24
CA VAL A 166 -39.46 5.05 14.32
C VAL A 166 -39.87 3.58 14.35
N ALA A 167 -38.88 2.71 14.23
CA ALA A 167 -39.14 1.28 14.29
C ALA A 167 -38.45 0.78 15.54
N HIS A 168 -39.19 0.09 16.40
CA HIS A 168 -38.60 -0.41 17.63
C HIS A 168 -39.36 -1.59 18.22
N ASP A 169 -38.62 -2.49 18.86
CA ASP A 169 -39.18 -3.66 19.52
C ASP A 169 -39.82 -4.69 18.60
N ASN A 170 -39.22 -4.88 17.44
CA ASN A 170 -39.74 -5.84 16.48
C ASN A 170 -38.88 -7.10 16.48
N GLY A 171 -39.43 -8.17 15.91
CA GLY A 171 -38.74 -9.44 15.88
C GLY A 171 -37.46 -9.52 15.05
N LEU A 172 -37.42 -8.78 13.94
CA LEU A 172 -36.25 -8.81 13.08
C LEU A 172 -35.61 -7.43 12.94
N ASP A 173 -35.38 -7.00 11.70
CA ASP A 173 -34.78 -5.70 11.47
C ASP A 173 -35.83 -4.62 11.63
N GLY A 174 -35.39 -3.43 12.05
CA GLY A 174 -36.31 -2.31 12.22
C GLY A 174 -36.78 -1.75 10.89
N PHE A 175 -35.83 -1.49 10.01
CA PHE A 175 -36.10 -0.97 8.66
C PHE A 175 -35.39 -1.86 7.63
N VAL A 176 -36.12 -2.29 6.61
CA VAL A 176 -35.49 -3.09 5.55
C VAL A 176 -35.52 -2.35 4.22
N ALA A 177 -34.43 -2.37 3.48
CA ALA A 177 -34.42 -1.74 2.17
C ALA A 177 -34.20 -2.86 1.16
N ASP A 178 -35.24 -3.66 0.92
CA ASP A 178 -35.18 -4.78 -0.01
C ASP A 178 -35.45 -4.33 -1.45
N TYR A 179 -34.40 -4.24 -2.25
CA TYR A 179 -34.49 -3.79 -3.64
C TYR A 179 -35.27 -2.47 -3.82
N LEU A 180 -34.68 -1.39 -3.35
CA LEU A 180 -35.27 -0.05 -3.48
C LEU A 180 -34.42 0.75 -4.46
N VAL A 181 -35.05 1.60 -5.27
CA VAL A 181 -34.32 2.38 -6.26
C VAL A 181 -34.67 3.86 -6.23
N ASP A 182 -33.63 4.69 -6.32
CA ASP A 182 -33.81 6.14 -6.30
C ASP A 182 -34.77 6.44 -5.16
N SER A 183 -34.37 6.04 -3.94
CA SER A 183 -35.17 6.25 -2.72
C SER A 183 -34.41 6.98 -1.60
N VAL A 184 -35.09 7.23 -0.48
CA VAL A 184 -34.49 7.95 0.64
C VAL A 184 -35.02 7.60 2.05
N PHE A 185 -34.10 7.36 2.98
CA PHE A 185 -34.47 7.15 4.37
C PHE A 185 -33.85 8.37 5.05
N GLU A 186 -34.68 9.17 5.72
CA GLU A 186 -34.18 10.36 6.37
C GLU A 186 -34.70 10.62 7.77
N ASN A 187 -33.79 10.89 8.69
CA ASN A 187 -34.13 11.18 10.09
C ASN A 187 -34.98 10.09 10.73
N ASN A 188 -34.58 8.84 10.56
CA ASN A 188 -35.32 7.72 11.14
C ASN A 188 -34.61 7.12 12.34
N VAL A 189 -35.34 6.46 13.21
CA VAL A 189 -34.73 5.85 14.39
C VAL A 189 -35.17 4.41 14.61
N ALA A 190 -34.18 3.49 14.59
CA ALA A 190 -34.43 2.07 14.82
C ALA A 190 -33.68 1.62 16.06
N TYR A 191 -34.41 1.13 17.05
CA TYR A 191 -33.80 0.66 18.28
C TYR A 191 -34.59 -0.49 18.90
N ALA A 192 -33.95 -1.21 19.82
CA ALA A 192 -34.60 -2.33 20.52
C ALA A 192 -35.08 -3.44 19.60
N ASN A 193 -34.63 -3.44 18.36
CA ASN A 193 -35.05 -4.49 17.44
C ASN A 193 -34.21 -5.74 17.68
N ASP A 194 -34.83 -6.91 17.54
CA ASP A 194 -34.16 -8.18 17.82
C ASP A 194 -32.95 -8.49 16.94
N ARG A 195 -32.92 -7.95 15.73
CA ARG A 195 -31.77 -8.10 14.86
C ARG A 195 -31.25 -6.69 14.49
N HIS A 196 -31.13 -6.38 13.19
CA HIS A 196 -30.58 -5.09 12.74
C HIS A 196 -31.51 -3.89 12.89
N GLY A 197 -30.91 -2.70 12.93
CA GLY A 197 -31.73 -1.50 12.98
C GLY A 197 -32.17 -1.20 11.55
N PHE A 198 -31.19 -1.18 10.66
CA PHE A 198 -31.37 -0.93 9.23
C PHE A 198 -30.73 -2.06 8.43
N ASN A 199 -31.50 -2.70 7.56
CA ASN A 199 -30.99 -3.81 6.74
C ASN A 199 -31.21 -3.54 5.25
N VAL A 200 -30.16 -3.09 4.56
CA VAL A 200 -30.22 -2.81 3.13
C VAL A 200 -29.79 -4.06 2.38
N VAL A 201 -30.73 -4.67 1.65
CA VAL A 201 -30.46 -5.94 0.98
C VAL A 201 -31.08 -6.04 -0.43
N THR A 202 -30.72 -7.10 -1.14
CA THR A 202 -31.28 -7.41 -2.47
C THR A 202 -31.19 -6.29 -3.54
N SER A 203 -30.00 -6.13 -4.11
CA SER A 203 -29.81 -5.19 -5.20
C SER A 203 -30.14 -3.70 -5.05
N THR A 204 -30.52 -3.23 -3.86
CA THR A 204 -30.80 -1.81 -3.71
C THR A 204 -29.62 -0.97 -4.23
N HIS A 205 -29.96 0.07 -4.98
CA HIS A 205 -28.96 0.96 -5.54
C HIS A 205 -29.56 2.39 -5.67
N ASP A 206 -28.68 3.37 -5.86
CA ASP A 206 -29.07 4.79 -5.94
C ASP A 206 -30.00 5.08 -4.78
N PHE A 207 -29.51 4.77 -3.58
CA PHE A 207 -30.26 4.92 -2.36
C PHE A 207 -29.50 5.78 -1.36
N VAL A 208 -30.21 6.72 -0.75
CA VAL A 208 -29.58 7.62 0.22
C VAL A 208 -30.19 7.52 1.60
N MET A 209 -29.31 7.40 2.59
CA MET A 209 -29.70 7.31 3.98
C MET A 209 -29.09 8.52 4.67
N THR A 210 -29.95 9.48 5.03
CA THR A 210 -29.48 10.72 5.66
C THR A 210 -30.00 10.85 7.09
N ASN A 211 -29.08 11.16 7.99
CA ASN A 211 -29.36 11.34 9.41
C ASN A 211 -30.19 10.25 10.09
N ASN A 212 -29.77 9.00 9.96
CA ASN A 212 -30.50 7.92 10.61
C ASN A 212 -29.75 7.45 11.86
N VAL A 213 -30.50 6.98 12.84
CA VAL A 213 -29.92 6.54 14.10
C VAL A 213 -30.40 5.15 14.45
N ALA A 214 -29.44 4.24 14.68
CA ALA A 214 -29.78 2.88 15.06
C ALA A 214 -29.00 2.54 16.34
N TYR A 215 -29.70 2.17 17.41
CA TYR A 215 -29.04 1.81 18.65
C TYR A 215 -29.77 0.73 19.46
N GLY A 216 -29.02 -0.07 20.21
CA GLY A 216 -29.62 -1.09 21.03
C GLY A 216 -30.29 -2.22 20.26
N ASN A 217 -29.73 -2.54 19.10
CA ASN A 217 -30.32 -3.59 18.27
C ASN A 217 -29.60 -4.94 18.50
N GLY A 218 -30.27 -6.04 18.15
CA GLY A 218 -29.72 -7.37 18.38
C GLY A 218 -28.52 -7.77 17.55
N SER A 219 -28.36 -7.19 16.37
CA SER A 219 -27.19 -7.46 15.55
C SER A 219 -26.52 -6.12 15.30
N SER A 220 -26.30 -5.79 14.04
CA SER A 220 -25.64 -4.54 13.67
C SER A 220 -26.66 -3.40 13.63
N GLY A 221 -26.17 -2.17 13.73
CA GLY A 221 -27.06 -1.03 13.68
C GLY A 221 -27.62 -0.86 12.28
N LEU A 222 -26.72 -0.82 11.31
CA LEU A 222 -27.07 -0.68 9.91
C LEU A 222 -26.21 -1.64 9.11
N VAL A 223 -26.83 -2.38 8.21
CA VAL A 223 -26.10 -3.33 7.40
C VAL A 223 -26.50 -3.29 5.93
N VAL A 224 -25.50 -3.26 5.06
CA VAL A 224 -25.71 -3.30 3.62
C VAL A 224 -25.12 -4.63 3.13
N GLN A 225 -25.98 -5.49 2.60
CA GLN A 225 -25.52 -6.80 2.16
C GLN A 225 -26.22 -7.37 0.94
N ARG A 226 -25.51 -8.28 0.27
CA ARG A 226 -25.98 -8.97 -0.92
C ARG A 226 -27.30 -9.70 -0.73
N GLY A 227 -27.43 -10.44 0.35
CA GLY A 227 -28.64 -11.20 0.57
C GLY A 227 -28.39 -12.69 0.39
N LEU A 228 -29.31 -13.51 0.89
CA LEU A 228 -29.18 -14.97 0.82
C LEU A 228 -29.03 -15.51 -0.61
N GLU A 229 -29.66 -14.85 -1.57
CA GLU A 229 -29.58 -15.28 -2.97
C GLU A 229 -28.43 -14.63 -3.72
N ASP A 230 -28.02 -15.28 -4.81
CA ASP A 230 -26.94 -14.81 -5.67
C ASP A 230 -27.46 -13.71 -6.61
N LEU A 231 -28.04 -12.68 -6.02
CA LEU A 231 -28.56 -11.55 -6.78
C LEU A 231 -27.48 -10.49 -6.95
N ALA A 232 -27.86 -9.39 -7.57
CA ALA A 232 -26.92 -8.28 -7.77
C ALA A 232 -26.56 -7.69 -6.40
N LEU A 233 -25.34 -7.20 -6.27
CA LEU A 233 -24.91 -6.63 -5.00
C LEU A 233 -25.51 -5.23 -4.90
N PRO A 234 -25.98 -4.85 -3.71
CA PRO A 234 -26.55 -3.51 -3.53
C PRO A 234 -25.40 -2.54 -3.84
N SER A 235 -25.67 -1.42 -4.49
CA SER A 235 -24.57 -0.52 -4.83
C SER A 235 -24.91 0.95 -5.04
N ASN A 236 -23.86 1.76 -5.07
CA ASN A 236 -24.01 3.19 -5.23
C ASN A 236 -25.00 3.69 -4.18
N ILE A 237 -24.60 3.55 -2.92
CA ILE A 237 -25.42 3.94 -1.77
C ILE A 237 -24.70 4.99 -0.92
N LEU A 238 -25.46 5.94 -0.38
CA LEU A 238 -24.86 6.96 0.47
C LEU A 238 -25.47 6.93 1.85
N ILE A 239 -24.59 6.84 2.86
CA ILE A 239 -25.01 6.88 4.25
C ILE A 239 -24.38 8.16 4.78
N ASP A 240 -25.16 9.22 4.84
CA ASP A 240 -24.66 10.51 5.30
C ASP A 240 -25.24 10.90 6.66
N GLY A 241 -24.35 11.13 7.62
CA GLY A 241 -24.78 11.54 8.94
C GLY A 241 -25.47 10.44 9.73
N GLY A 242 -25.95 10.81 10.90
CA GLY A 242 -26.60 9.85 11.77
C GLY A 242 -25.64 9.29 12.80
N ALA A 243 -26.11 8.30 13.55
CA ALA A 243 -25.33 7.63 14.58
C ALA A 243 -25.82 6.19 14.74
N TYR A 244 -24.88 5.27 14.78
CA TYR A 244 -25.18 3.85 14.94
C TYR A 244 -24.31 3.46 16.12
N TYR A 245 -24.96 3.28 17.28
CA TYR A 245 -24.21 2.99 18.49
C TYR A 245 -24.89 2.03 19.45
N ASP A 246 -24.09 1.53 20.39
CA ASP A 246 -24.55 0.60 21.41
C ASP A 246 -25.39 -0.54 20.88
N ASN A 247 -24.95 -1.11 19.75
CA ASN A 247 -25.63 -2.26 19.16
C ASN A 247 -24.84 -3.50 19.55
N ALA A 248 -25.44 -4.67 19.44
CA ALA A 248 -24.75 -5.91 19.79
C ALA A 248 -23.52 -6.19 18.91
N ARG A 249 -23.72 -6.19 17.58
CA ARG A 249 -22.61 -6.44 16.66
C ARG A 249 -21.87 -5.17 16.26
N GLU A 250 -21.83 -4.91 14.96
CA GLU A 250 -21.14 -3.73 14.43
C GLU A 250 -22.05 -2.53 14.38
N GLY A 251 -21.46 -1.36 14.19
CA GLY A 251 -22.23 -0.14 14.01
C GLY A 251 -22.72 -0.18 12.57
N VAL A 252 -21.80 -0.41 11.64
CA VAL A 252 -22.13 -0.53 10.23
C VAL A 252 -21.41 -1.74 9.60
N LEU A 253 -22.19 -2.60 8.94
CA LEU A 253 -21.64 -3.77 8.26
C LEU A 253 -21.89 -3.65 6.75
N LEU A 254 -20.85 -3.84 5.96
CA LEU A 254 -20.98 -3.80 4.51
C LEU A 254 -20.48 -5.16 4.02
N LYS A 255 -21.44 -6.04 3.73
CA LYS A 255 -21.12 -7.41 3.31
C LYS A 255 -21.51 -7.67 1.85
N MET A 256 -20.54 -8.07 1.04
CA MET A 256 -20.79 -8.34 -0.38
C MET A 256 -21.60 -7.19 -1.01
N THR A 257 -20.92 -6.08 -1.28
CA THR A 257 -21.57 -4.92 -1.87
C THR A 257 -20.46 -4.05 -2.45
N SER A 258 -20.81 -2.88 -2.99
CA SER A 258 -19.78 -2.03 -3.54
C SER A 258 -20.32 -0.66 -3.80
N ASP A 259 -19.41 0.29 -4.00
CA ASP A 259 -19.78 1.65 -4.28
C ASP A 259 -20.68 2.15 -3.17
N ILE A 260 -20.16 2.08 -1.94
CA ILE A 260 -20.92 2.55 -0.80
C ILE A 260 -20.13 3.69 -0.20
N THR A 261 -20.82 4.70 0.31
CA THR A 261 -20.16 5.84 0.95
C THR A 261 -20.73 6.12 2.33
N LEU A 262 -19.91 5.93 3.37
CA LEU A 262 -20.30 6.21 4.74
C LEU A 262 -19.54 7.46 5.18
N GLN A 263 -20.27 8.50 5.56
CA GLN A 263 -19.60 9.74 5.98
C GLN A 263 -20.39 10.56 7.01
N ASN A 264 -19.64 11.29 7.84
CA ASN A 264 -20.18 12.18 8.87
C ASN A 264 -21.05 11.48 9.88
N ALA A 265 -20.75 10.24 10.21
CA ALA A 265 -21.56 9.51 11.17
C ALA A 265 -20.82 9.24 12.48
N ASP A 266 -21.59 9.16 13.57
CA ASP A 266 -21.04 8.90 14.89
C ASP A 266 -21.27 7.43 15.19
N ILE A 267 -20.18 6.68 15.30
CA ILE A 267 -20.27 5.25 15.53
C ILE A 267 -19.51 4.88 16.81
N HIS A 268 -20.25 4.49 17.86
CA HIS A 268 -19.64 4.11 19.14
C HIS A 268 -20.40 3.05 19.95
N GLY A 269 -19.77 2.60 21.03
CA GLY A 269 -20.38 1.65 21.95
C GLY A 269 -20.93 0.36 21.38
N ASN A 270 -20.47 -0.03 20.20
CA ASN A 270 -20.96 -1.25 19.58
C ASN A 270 -20.19 -2.47 20.10
N GLY A 271 -20.84 -3.62 20.08
CA GLY A 271 -20.20 -4.85 20.53
C GLY A 271 -18.97 -5.18 19.72
N SER A 272 -19.10 -5.29 18.41
CA SER A 272 -17.93 -5.59 17.58
C SER A 272 -17.29 -4.32 17.04
N SER A 273 -16.80 -4.37 15.80
CA SER A 273 -16.15 -3.24 15.20
C SER A 273 -17.14 -2.14 14.92
N GLY A 274 -16.64 -0.89 14.88
CA GLY A 274 -17.51 0.24 14.58
C GLY A 274 -17.98 0.12 13.14
N VAL A 275 -17.02 -0.05 12.24
CA VAL A 275 -17.35 -0.23 10.84
C VAL A 275 -16.61 -1.48 10.37
N ARG A 276 -17.36 -2.40 9.75
CA ARG A 276 -16.75 -3.62 9.26
C ARG A 276 -17.04 -3.78 7.77
N VAL A 277 -15.99 -3.79 6.94
CA VAL A 277 -16.14 -4.00 5.51
C VAL A 277 -15.82 -5.47 5.23
N TYR A 278 -16.84 -6.20 4.80
CA TYR A 278 -16.70 -7.64 4.61
C TYR A 278 -16.91 -8.00 3.15
N GLY A 279 -15.82 -8.04 2.40
CA GLY A 279 -15.90 -8.38 0.99
C GLY A 279 -16.71 -7.37 0.17
N ALA A 280 -16.24 -6.13 0.16
CA ALA A 280 -16.90 -5.06 -0.57
C ALA A 280 -15.87 -4.35 -1.41
N GLN A 281 -16.31 -3.72 -2.51
CA GLN A 281 -15.40 -2.99 -3.37
C GLN A 281 -15.79 -1.53 -3.49
N ASP A 282 -14.76 -0.68 -3.62
CA ASP A 282 -14.92 0.76 -3.78
C ASP A 282 -15.82 1.35 -2.70
N VAL A 283 -15.49 1.06 -1.46
CA VAL A 283 -16.22 1.62 -0.34
C VAL A 283 -15.41 2.81 0.18
N GLN A 284 -16.11 3.87 0.56
CA GLN A 284 -15.47 5.06 1.09
C GLN A 284 -15.92 5.40 2.51
N ILE A 285 -14.99 5.32 3.46
CA ILE A 285 -15.26 5.68 4.85
C ILE A 285 -14.68 7.10 5.03
N LEU A 286 -15.51 8.14 4.94
CA LEU A 286 -15.00 9.52 5.07
C LEU A 286 -15.57 10.36 6.22
N ASP A 287 -14.67 11.07 6.89
CA ASP A 287 -14.96 11.99 8.01
C ASP A 287 -15.95 11.48 9.03
N ASN A 288 -15.74 10.25 9.48
CA ASN A 288 -16.64 9.68 10.47
C ASN A 288 -16.01 9.73 11.82
N GLN A 289 -16.87 9.60 12.82
CA GLN A 289 -16.49 9.62 14.21
C GLN A 289 -16.66 8.18 14.68
N ILE A 290 -15.56 7.44 14.70
CA ILE A 290 -15.61 6.04 15.09
C ILE A 290 -14.82 5.91 16.37
N HIS A 291 -15.52 5.60 17.46
CA HIS A 291 -14.87 5.54 18.77
C HIS A 291 -15.53 4.64 19.79
N ASP A 292 -14.70 4.11 20.69
CA ASP A 292 -15.16 3.28 21.79
C ASP A 292 -16.06 2.13 21.39
N ASN A 293 -15.63 1.33 20.43
CA ASN A 293 -16.40 0.18 20.03
C ASN A 293 -15.69 -1.04 20.58
N ALA A 294 -16.03 -2.22 20.10
CA ALA A 294 -15.41 -3.45 20.60
C ALA A 294 -15.70 -3.61 22.09
N GLN A 295 -16.97 -3.42 22.47
CA GLN A 295 -17.41 -3.54 23.85
C GLN A 295 -17.58 -4.99 24.28
N ALA A 296 -17.64 -5.90 23.33
CA ALA A 296 -17.89 -7.29 23.67
C ALA A 296 -16.83 -8.23 23.11
N ALA A 297 -15.82 -7.67 22.46
CA ALA A 297 -14.79 -8.51 21.87
C ALA A 297 -13.53 -7.71 21.57
N ALA A 298 -12.42 -8.42 21.42
CA ALA A 298 -11.16 -7.78 21.07
C ALA A 298 -11.12 -7.73 19.54
N VAL A 299 -11.69 -6.66 18.99
CA VAL A 299 -11.76 -6.45 17.55
C VAL A 299 -11.31 -5.01 17.29
N PRO A 300 -11.00 -4.67 16.03
CA PRO A 300 -10.58 -3.33 15.68
C PRO A 300 -11.78 -2.39 15.56
N GLU A 301 -11.52 -1.09 15.52
CA GLU A 301 -12.59 -0.10 15.35
C GLU A 301 -13.15 -0.20 13.93
N VAL A 302 -12.24 -0.29 12.97
CA VAL A 302 -12.55 -0.42 11.55
C VAL A 302 -11.88 -1.73 11.06
N LEU A 303 -12.69 -2.70 10.62
CA LEU A 303 -12.17 -3.98 10.13
C LEU A 303 -12.44 -4.18 8.64
N LEU A 304 -11.39 -4.50 7.90
CA LEU A 304 -11.49 -4.70 6.46
C LEU A 304 -11.08 -6.11 6.16
N GLN A 305 -11.92 -6.86 5.45
CA GLN A 305 -11.58 -8.23 5.12
C GLN A 305 -12.41 -8.75 3.98
N SER A 306 -12.00 -9.89 3.45
CA SER A 306 -12.70 -10.51 2.31
C SER A 306 -13.71 -11.57 2.72
N PHE A 307 -14.65 -11.84 1.83
CA PHE A 307 -15.71 -12.81 2.09
C PHE A 307 -15.63 -14.01 1.13
N ASP A 308 -15.40 -15.18 1.70
CA ASP A 308 -15.32 -16.40 0.89
C ASP A 308 -16.73 -16.95 0.71
N ASP A 309 -17.17 -17.09 -0.54
CA ASP A 309 -18.49 -17.63 -0.81
C ASP A 309 -18.33 -18.65 -1.93
N THR A 310 -17.08 -19.10 -2.10
CA THR A 310 -16.77 -20.09 -3.12
C THR A 310 -17.57 -21.34 -2.82
N ALA A 311 -18.02 -21.46 -1.58
CA ALA A 311 -18.81 -22.61 -1.17
C ALA A 311 -20.23 -22.19 -0.82
N GLY A 312 -20.65 -21.05 -1.35
CA GLY A 312 -22.00 -20.57 -1.10
C GLY A 312 -22.77 -20.37 -2.40
N ALA A 313 -23.78 -19.52 -2.37
CA ALA A 313 -24.60 -19.28 -3.54
C ALA A 313 -23.80 -18.91 -4.80
N SER A 314 -22.89 -17.95 -4.66
CA SER A 314 -22.14 -17.45 -5.82
C SER A 314 -20.93 -18.25 -6.26
N GLY A 315 -20.31 -18.98 -5.33
CA GLY A 315 -19.11 -19.72 -5.67
C GLY A 315 -17.97 -18.74 -5.93
N THR A 316 -18.20 -17.48 -5.60
CA THR A 316 -17.22 -16.41 -5.80
C THR A 316 -16.50 -16.05 -4.52
N TYR A 317 -15.27 -15.57 -4.66
CA TYR A 317 -14.47 -15.16 -3.51
C TYR A 317 -14.39 -13.64 -3.47
N TYR A 318 -15.30 -13.00 -2.75
CA TYR A 318 -15.33 -11.54 -2.71
C TYR A 318 -14.10 -10.93 -2.05
N THR A 319 -13.29 -10.26 -2.87
CA THR A 319 -12.09 -9.62 -2.35
C THR A 319 -12.42 -8.15 -2.08
N THR A 320 -12.13 -7.66 -0.88
CA THR A 320 -12.39 -6.26 -0.61
C THR A 320 -11.27 -5.48 -1.26
N LEU A 321 -11.62 -4.58 -2.18
CA LEU A 321 -10.63 -3.80 -2.89
C LEU A 321 -11.05 -2.34 -3.00
N ASN A 322 -10.07 -1.46 -3.06
CA ASN A 322 -10.29 -0.03 -3.18
C ASN A 322 -11.12 0.58 -2.07
N THR A 323 -10.67 0.38 -0.83
CA THR A 323 -11.34 0.97 0.30
C THR A 323 -10.60 2.24 0.69
N ARG A 324 -11.28 3.37 0.58
CA ARG A 324 -10.73 4.66 0.93
C ARG A 324 -11.22 5.08 2.30
N ILE A 325 -10.31 5.15 3.25
CA ILE A 325 -10.64 5.53 4.61
C ILE A 325 -9.91 6.85 4.88
N GLU A 326 -10.64 7.95 4.76
CA GLU A 326 -10.02 9.27 4.90
C GLU A 326 -10.68 10.27 5.88
N GLY A 327 -9.83 11.02 6.59
CA GLY A 327 -10.31 12.04 7.51
C GLY A 327 -11.22 11.61 8.64
N ASN A 328 -10.96 10.44 9.22
CA ASN A 328 -11.78 9.95 10.33
C ASN A 328 -11.09 10.13 11.67
N THR A 329 -11.89 10.25 12.73
CA THR A 329 -11.34 10.37 14.06
C THR A 329 -11.66 9.04 14.72
N ILE A 330 -10.66 8.17 14.76
CA ILE A 330 -10.83 6.85 15.35
C ILE A 330 -10.19 6.82 16.72
N SER A 331 -10.98 6.33 17.68
CA SER A 331 -10.55 6.24 19.07
C SER A 331 -11.06 4.91 19.59
N GLY A 332 -10.19 4.13 20.22
CA GLY A 332 -10.64 2.83 20.68
C GLY A 332 -11.11 2.78 22.11
N SER A 333 -11.56 1.59 22.50
CA SER A 333 -12.00 1.33 23.87
C SER A 333 -10.95 0.36 24.42
N ALA A 334 -11.10 -0.05 25.67
CA ALA A 334 -10.13 -0.96 26.26
C ALA A 334 -9.84 -2.17 25.38
N ASN A 335 -10.89 -2.71 24.75
CA ASN A 335 -10.74 -3.93 23.95
C ASN A 335 -10.39 -3.73 22.48
N SER A 336 -10.34 -2.48 22.04
CA SER A 336 -10.04 -2.16 20.65
C SER A 336 -8.62 -2.55 20.28
N THR A 337 -8.49 -3.59 19.45
CA THR A 337 -7.19 -4.06 19.00
C THR A 337 -6.48 -3.03 18.11
N TYR A 338 -7.13 -2.60 17.03
CA TYR A 338 -6.52 -1.60 16.15
C TYR A 338 -7.50 -0.50 15.77
N GLY A 339 -6.96 0.56 15.18
CA GLY A 339 -7.82 1.64 14.71
C GLY A 339 -8.40 1.18 13.39
N ILE A 340 -7.52 0.66 12.53
CA ILE A 340 -7.88 0.15 11.21
C ILE A 340 -7.05 -1.11 10.97
N GLN A 341 -7.69 -2.20 10.55
CA GLN A 341 -6.95 -3.44 10.30
C GLN A 341 -7.48 -4.27 9.14
N GLU A 342 -6.56 -4.74 8.31
CA GLU A 342 -6.95 -5.62 7.22
C GLU A 342 -6.65 -7.03 7.67
N ARG A 343 -7.43 -7.99 7.18
CA ARG A 343 -7.13 -9.38 7.47
C ARG A 343 -6.26 -9.77 6.30
N ASN A 344 -5.27 -10.62 6.53
CA ASN A 344 -4.40 -11.05 5.43
C ASN A 344 -5.12 -12.13 4.65
N ASP A 345 -6.22 -11.74 4.01
CA ASP A 345 -7.07 -12.67 3.28
C ASP A 345 -7.25 -12.28 1.82
N GLY A 346 -6.32 -11.49 1.32
CA GLY A 346 -6.38 -11.06 -0.06
C GLY A 346 -6.90 -9.64 -0.20
N THR A 347 -7.34 -9.04 0.91
CA THR A 347 -7.83 -7.67 0.90
C THR A 347 -6.70 -6.77 0.40
N ASP A 348 -6.99 -5.94 -0.59
CA ASP A 348 -5.98 -5.10 -1.21
C ASP A 348 -6.52 -3.73 -1.59
N TYR A 349 -5.58 -2.85 -1.94
CA TYR A 349 -5.88 -1.48 -2.37
C TYR A 349 -6.67 -0.59 -1.41
N SER A 350 -6.25 -0.59 -0.16
CA SER A 350 -6.86 0.25 0.85
C SER A 350 -6.10 1.58 0.86
N SER A 351 -6.82 2.69 0.98
CA SER A 351 -6.19 4.01 1.01
C SER A 351 -6.44 4.72 2.33
N LEU A 352 -5.43 4.72 3.19
CA LEU A 352 -5.54 5.40 4.50
C LEU A 352 -4.95 6.79 4.38
N ILE A 353 -5.80 7.81 4.50
CA ILE A 353 -5.38 9.20 4.34
C ILE A 353 -5.99 10.14 5.38
N ASP A 354 -5.12 10.89 6.05
CA ASP A 354 -5.52 11.87 7.08
C ASP A 354 -6.44 11.35 8.19
N ASN A 355 -6.00 10.33 8.90
CA ASN A 355 -6.80 9.78 9.98
C ASN A 355 -6.18 10.00 11.35
N ASP A 356 -7.04 10.30 12.32
CA ASP A 356 -6.63 10.50 13.70
C ASP A 356 -6.92 9.24 14.50
N ILE A 357 -6.00 8.28 14.45
CA ILE A 357 -6.17 7.08 15.24
C ILE A 357 -5.56 7.36 16.61
N ALA A 358 -6.34 7.12 17.66
CA ALA A 358 -5.89 7.32 19.03
C ALA A 358 -6.37 6.21 19.95
N GLY A 359 -5.69 6.07 21.08
CA GLY A 359 -6.08 5.08 22.06
C GLY A 359 -6.54 3.73 21.55
N VAL A 360 -5.59 2.93 21.07
CA VAL A 360 -5.83 1.56 20.61
C VAL A 360 -4.50 0.78 20.72
N GLN A 361 -4.56 -0.54 20.92
CA GLN A 361 -3.34 -1.34 21.06
C GLN A 361 -2.35 -1.09 19.92
N GLN A 362 -2.84 -0.59 18.80
CA GLN A 362 -2.02 -0.24 17.64
C GLN A 362 -2.88 0.48 16.60
N PRO A 363 -2.37 1.57 16.01
CA PRO A 363 -3.11 2.36 15.02
C PRO A 363 -3.58 1.65 13.76
N ILE A 364 -2.63 1.28 12.91
CA ILE A 364 -2.92 0.67 11.62
C ILE A 364 -2.19 -0.66 11.41
N GLN A 365 -2.81 -1.55 10.64
CA GLN A 365 -2.21 -2.82 10.28
C GLN A 365 -2.72 -3.22 8.91
N LEU A 366 -1.87 -3.05 7.90
CA LEU A 366 -2.21 -3.36 6.51
C LEU A 366 -1.51 -4.60 5.97
N TYR A 367 -2.13 -5.27 4.99
CA TYR A 367 -1.51 -6.46 4.38
C TYR A 367 -1.39 -6.47 2.86
N GLY A 368 -2.46 -6.15 2.15
CA GLY A 368 -2.43 -6.13 0.70
C GLY A 368 -1.16 -5.48 0.15
N PRO A 369 -0.51 -6.07 -0.87
CA PRO A 369 0.71 -5.52 -1.46
C PRO A 369 0.55 -4.17 -2.13
N HIS A 370 -0.68 -3.67 -2.18
CA HIS A 370 -0.96 -2.39 -2.80
C HIS A 370 -1.60 -1.42 -1.81
N SER A 371 -1.95 -1.89 -0.62
CA SER A 371 -2.57 -1.02 0.39
C SER A 371 -1.58 0.04 0.88
N THR A 372 -2.02 1.29 0.92
CA THR A 372 -1.15 2.38 1.32
C THR A 372 -1.68 3.35 2.37
N VAL A 373 -0.74 4.06 3.00
CA VAL A 373 -1.04 5.10 3.98
C VAL A 373 -0.36 6.37 3.45
N SER A 374 -0.83 7.55 3.86
CA SER A 374 -0.25 8.82 3.39
C SER A 374 -0.02 9.87 4.48
N GLY A 375 0.61 9.50 5.60
CA GLY A 375 0.86 10.47 6.66
C GLY A 375 0.24 10.05 7.99
N GLU A 376 0.73 8.94 8.53
CA GLU A 376 0.25 8.38 9.79
C GLU A 376 1.00 7.07 9.97
N MET B 1 57.12 -5.90 -28.33
CA MET B 1 56.71 -7.27 -28.05
C MET B 1 56.61 -7.55 -26.54
N ASP B 2 56.68 -8.82 -26.15
CA ASP B 2 56.56 -9.21 -24.74
C ASP B 2 57.89 -9.26 -23.99
N TYR B 3 57.85 -9.04 -22.68
CA TYR B 3 59.05 -9.05 -21.86
C TYR B 3 58.90 -9.82 -20.56
N ASN B 4 59.97 -10.47 -20.12
CA ASN B 4 59.99 -11.22 -18.86
C ASN B 4 60.67 -10.31 -17.82
N VAL B 5 59.95 -9.89 -16.78
CA VAL B 5 60.54 -8.97 -15.81
C VAL B 5 61.87 -9.43 -15.24
N LYS B 6 62.00 -10.73 -15.00
CA LYS B 6 63.24 -11.26 -14.45
C LYS B 6 64.42 -10.99 -15.38
N ASP B 7 64.12 -10.63 -16.63
CA ASP B 7 65.15 -10.27 -17.60
C ASP B 7 65.69 -8.88 -17.30
N PHE B 8 64.94 -8.12 -16.50
CA PHE B 8 65.38 -6.79 -16.15
C PHE B 8 65.86 -6.71 -14.70
N GLY B 9 66.15 -7.87 -14.11
CA GLY B 9 66.65 -7.90 -12.75
C GLY B 9 65.66 -8.29 -11.68
N ALA B 10 64.37 -8.18 -11.97
CA ALA B 10 63.33 -8.54 -11.00
C ALA B 10 63.55 -9.95 -10.48
N LEU B 11 63.66 -10.07 -9.16
CA LEU B 11 63.87 -11.35 -8.51
C LEU B 11 62.56 -12.00 -8.09
N GLY B 12 61.66 -11.20 -7.50
CA GLY B 12 60.40 -11.72 -7.05
C GLY B 12 60.62 -12.81 -6.02
N ASP B 13 61.36 -12.50 -4.96
CA ASP B 13 61.67 -13.46 -3.91
C ASP B 13 60.99 -13.12 -2.58
N GLY B 14 60.08 -12.15 -2.63
CA GLY B 14 59.37 -11.75 -1.43
C GLY B 14 60.17 -10.86 -0.50
N VAL B 15 61.32 -10.37 -0.97
CA VAL B 15 62.17 -9.51 -0.16
C VAL B 15 62.73 -8.34 -0.98
N SER B 16 63.40 -8.67 -2.08
CA SER B 16 64.02 -7.65 -2.93
C SER B 16 63.05 -6.65 -3.55
N ASP B 17 63.40 -5.37 -3.46
CA ASP B 17 62.60 -4.32 -4.05
C ASP B 17 62.74 -4.43 -5.57
N ASP B 18 61.77 -5.07 -6.19
CA ASP B 18 61.80 -5.30 -7.63
C ASP B 18 61.23 -4.12 -8.42
N ARG B 19 60.97 -2.99 -7.76
CA ARG B 19 60.39 -1.83 -8.45
C ARG B 19 61.18 -1.31 -9.65
N ALA B 20 62.46 -1.02 -9.42
CA ALA B 20 63.30 -0.48 -10.48
C ALA B 20 63.32 -1.41 -11.69
N SER B 21 63.32 -2.71 -11.42
CA SER B 21 63.37 -3.70 -12.46
C SER B 21 62.06 -3.72 -13.25
N ILE B 22 60.95 -3.92 -12.54
CA ILE B 22 59.64 -3.99 -13.20
C ILE B 22 59.43 -2.79 -14.10
N GLN B 23 59.80 -1.63 -13.58
CA GLN B 23 59.63 -0.39 -14.30
C GLN B 23 60.48 -0.34 -15.57
N ALA B 24 61.63 -1.00 -15.55
CA ALA B 24 62.51 -1.01 -16.71
C ALA B 24 61.86 -1.85 -17.80
N ALA B 25 61.10 -2.86 -17.40
CA ALA B 25 60.42 -3.72 -18.37
C ALA B 25 59.33 -2.87 -19.00
N ILE B 26 58.51 -2.26 -18.16
CA ILE B 26 57.46 -1.38 -18.63
C ILE B 26 58.06 -0.38 -19.61
N ASP B 27 59.18 0.23 -19.21
CA ASP B 27 59.87 1.21 -20.05
C ASP B 27 60.32 0.66 -21.39
N ALA B 28 60.84 -0.56 -21.41
CA ALA B 28 61.25 -1.18 -22.67
C ALA B 28 60.02 -1.42 -23.54
N ALA B 29 59.01 -2.09 -22.99
CA ALA B 29 57.77 -2.38 -23.71
C ALA B 29 57.24 -1.11 -24.34
N TYR B 30 57.27 -0.03 -23.57
CA TYR B 30 56.78 1.26 -24.04
C TYR B 30 57.55 1.67 -25.28
N ALA B 31 58.88 1.59 -25.21
CA ALA B 31 59.74 1.96 -26.33
C ALA B 31 59.43 1.13 -27.57
N ALA B 32 59.22 -0.16 -27.39
CA ALA B 32 58.92 -1.05 -28.51
C ALA B 32 57.60 -0.70 -29.18
N GLY B 33 56.92 0.31 -28.67
CA GLY B 33 55.65 0.70 -29.24
C GLY B 33 54.46 -0.04 -28.62
N GLY B 34 54.72 -0.73 -27.52
CA GLY B 34 53.67 -1.46 -26.84
C GLY B 34 54.08 -2.86 -26.46
N GLY B 35 53.24 -3.56 -25.70
CA GLY B 35 53.55 -4.91 -25.30
C GLY B 35 53.14 -5.29 -23.89
N THR B 36 53.25 -6.59 -23.59
CA THR B 36 52.89 -7.10 -22.28
C THR B 36 54.13 -7.43 -21.47
N VAL B 37 54.19 -6.95 -20.24
CA VAL B 37 55.30 -7.25 -19.35
C VAL B 37 54.87 -8.38 -18.44
N TYR B 38 55.49 -9.55 -18.59
CA TYR B 38 55.14 -10.74 -17.81
C TYR B 38 55.95 -10.97 -16.53
N LEU B 39 55.24 -11.24 -15.43
CA LEU B 39 55.88 -11.50 -14.14
C LEU B 39 55.56 -12.91 -13.67
N PRO B 40 56.57 -13.79 -13.64
CA PRO B 40 56.36 -15.18 -13.21
C PRO B 40 55.77 -15.26 -11.80
N ALA B 41 55.21 -16.42 -11.45
CA ALA B 41 54.65 -16.60 -10.13
C ALA B 41 55.69 -16.21 -9.07
N GLY B 42 55.23 -15.68 -7.95
CA GLY B 42 56.13 -15.26 -6.90
C GLY B 42 55.68 -13.94 -6.30
N GLU B 43 56.39 -13.46 -5.27
CA GLU B 43 56.02 -12.21 -4.61
C GLU B 43 57.04 -11.14 -4.89
N TYR B 44 56.62 -10.07 -5.55
CA TYR B 44 57.51 -8.96 -5.91
C TYR B 44 57.30 -7.76 -4.98
N ARG B 45 58.31 -7.46 -4.17
CA ARG B 45 58.22 -6.34 -3.24
C ARG B 45 58.58 -5.05 -3.94
N VAL B 46 57.83 -4.00 -3.65
CA VAL B 46 58.10 -2.69 -4.25
C VAL B 46 58.03 -1.56 -3.23
N SER B 47 58.84 -0.53 -3.45
CA SER B 47 58.86 0.63 -2.57
C SER B 47 58.26 1.80 -3.32
N ALA B 48 57.90 2.85 -2.60
CA ALA B 48 57.35 4.04 -3.23
C ALA B 48 58.33 4.45 -4.31
N ALA B 49 57.85 5.12 -5.35
CA ALA B 49 58.71 5.51 -6.47
C ALA B 49 59.09 6.99 -6.42
N GLY B 50 58.86 7.61 -5.27
CA GLY B 50 59.17 9.02 -5.11
C GLY B 50 58.07 9.70 -4.32
N GLU B 51 57.35 10.59 -4.98
CA GLU B 51 56.25 11.29 -4.34
C GLU B 51 54.95 10.52 -4.55
N PRO B 52 53.87 10.91 -3.85
CA PRO B 52 52.56 10.25 -3.97
C PRO B 52 52.02 10.06 -5.38
N GLY B 53 52.17 11.08 -6.22
CA GLY B 53 51.66 11.00 -7.59
C GLY B 53 52.49 10.12 -8.49
N ASP B 54 53.55 9.53 -7.95
CA ASP B 54 54.43 8.68 -8.74
C ASP B 54 54.12 7.21 -8.50
N GLY B 55 53.25 6.93 -7.54
CA GLY B 55 52.91 5.56 -7.22
C GLY B 55 54.15 4.69 -7.03
N CYS B 56 54.05 3.43 -7.42
CA CYS B 56 55.18 2.51 -7.35
C CYS B 56 55.62 2.19 -8.78
N LEU B 57 54.70 1.60 -9.55
CA LEU B 57 54.96 1.26 -10.94
C LEU B 57 54.13 2.14 -11.86
N MET B 58 54.78 2.78 -12.82
CA MET B 58 54.12 3.68 -13.77
C MET B 58 53.97 3.02 -15.15
N LEU B 59 52.73 2.84 -15.60
CA LEU B 59 52.48 2.24 -16.90
C LEU B 59 52.48 3.35 -17.93
N LYS B 60 52.70 2.98 -19.19
CA LYS B 60 52.73 3.93 -20.29
C LYS B 60 51.93 3.37 -21.46
N ASP B 61 51.73 4.18 -22.48
CA ASP B 61 50.98 3.80 -23.67
C ASP B 61 51.32 2.42 -24.24
N GLY B 62 50.31 1.58 -24.36
CA GLY B 62 50.50 0.26 -24.94
C GLY B 62 51.10 -0.81 -24.05
N VAL B 63 51.28 -0.51 -22.77
CA VAL B 63 51.89 -1.48 -21.88
C VAL B 63 50.87 -2.13 -20.94
N TYR B 64 50.96 -3.46 -20.80
CA TYR B 64 50.09 -4.22 -19.92
C TYR B 64 50.97 -5.09 -19.02
N LEU B 65 50.45 -5.43 -17.85
CA LEU B 65 51.16 -6.32 -16.93
C LEU B 65 50.42 -7.65 -16.96
N ALA B 66 51.16 -8.74 -16.84
CA ALA B 66 50.53 -10.07 -16.81
C ALA B 66 51.29 -10.96 -15.85
N GLY B 67 50.56 -11.57 -14.93
CA GLY B 67 51.15 -12.47 -13.95
C GLY B 67 50.75 -13.92 -14.20
N ALA B 68 51.08 -14.78 -13.25
CA ALA B 68 50.78 -16.20 -13.35
C ALA B 68 49.37 -16.49 -12.87
N GLY B 69 48.59 -15.43 -12.62
CA GLY B 69 47.22 -15.57 -12.15
C GLY B 69 47.07 -15.02 -10.75
N MET B 70 45.84 -14.68 -10.35
CA MET B 70 45.58 -14.18 -9.00
C MET B 70 46.15 -15.15 -7.98
N GLY B 71 46.78 -14.63 -6.93
CA GLY B 71 47.36 -15.48 -5.91
C GLY B 71 48.72 -16.11 -6.24
N GLU B 72 49.08 -16.15 -7.53
CA GLU B 72 50.35 -16.71 -7.96
C GLU B 72 51.40 -15.60 -8.11
N THR B 73 51.03 -14.52 -8.78
CA THR B 73 51.90 -13.37 -8.93
C THR B 73 51.36 -12.29 -7.98
N VAL B 74 52.18 -11.88 -7.02
CA VAL B 74 51.81 -10.89 -6.02
C VAL B 74 52.82 -9.73 -6.03
N ILE B 75 52.31 -8.51 -6.07
CA ILE B 75 53.16 -7.33 -6.02
C ILE B 75 52.79 -6.70 -4.68
N LYS B 76 53.73 -6.71 -3.73
CA LYS B 76 53.48 -6.21 -2.38
C LYS B 76 54.41 -5.07 -1.95
N LEU B 77 53.83 -4.08 -1.29
CA LEU B 77 54.59 -2.94 -0.78
C LEU B 77 55.57 -3.50 0.25
N ILE B 78 56.78 -2.93 0.34
CA ILE B 78 57.77 -3.44 1.29
C ILE B 78 57.37 -3.16 2.74
N ASP B 79 57.53 -4.15 3.61
CA ASP B 79 57.18 -3.96 5.01
C ASP B 79 57.97 -2.74 5.52
N GLY B 80 57.26 -1.74 6.03
CA GLY B 80 57.95 -0.55 6.54
C GLY B 80 57.62 0.73 5.79
N SER B 81 57.11 0.61 4.57
CA SER B 81 56.74 1.78 3.79
C SER B 81 55.87 2.71 4.63
N ASP B 82 55.96 4.01 4.37
CA ASP B 82 55.16 4.97 5.09
C ASP B 82 55.05 6.32 4.38
N GLN B 83 54.22 6.36 3.34
CA GLN B 83 53.99 7.57 2.58
C GLN B 83 52.80 7.35 1.66
N LYS B 84 52.07 8.42 1.40
CA LYS B 84 50.91 8.35 0.53
C LYS B 84 51.36 7.89 -0.84
N ILE B 85 50.84 6.75 -1.27
CA ILE B 85 51.16 6.20 -2.59
C ILE B 85 49.85 6.16 -3.36
N THR B 86 49.64 7.16 -4.21
CA THR B 86 48.42 7.22 -4.98
C THR B 86 48.45 6.29 -6.19
N GLY B 87 48.39 4.99 -5.90
CA GLY B 87 48.38 3.98 -6.94
C GLY B 87 49.66 3.18 -7.03
N MET B 88 49.67 1.96 -6.48
CA MET B 88 50.87 1.13 -6.55
C MET B 88 51.24 0.84 -7.99
N VAL B 89 50.22 0.78 -8.85
CA VAL B 89 50.37 0.61 -10.29
C VAL B 89 49.49 1.72 -10.83
N ARG B 90 50.04 2.61 -11.66
CA ARG B 90 49.24 3.72 -12.16
C ARG B 90 49.68 4.34 -13.47
N SER B 91 48.88 5.30 -13.91
CA SER B 91 49.11 6.05 -15.12
C SER B 91 49.60 7.44 -14.75
N ALA B 92 50.34 8.06 -15.66
CA ALA B 92 50.90 9.39 -15.43
C ALA B 92 49.86 10.52 -15.41
N TYR B 93 50.02 11.42 -14.44
CA TYR B 93 49.15 12.57 -14.31
C TYR B 93 49.38 13.52 -15.50
N GLY B 94 48.30 14.08 -16.04
CA GLY B 94 48.43 15.01 -17.15
C GLY B 94 49.04 14.39 -18.40
N GLU B 95 48.91 13.07 -18.53
CA GLU B 95 49.40 12.35 -19.70
C GLU B 95 48.26 11.45 -20.16
N GLU B 96 47.66 11.74 -21.32
CA GLU B 96 46.59 10.88 -21.82
C GLU B 96 47.17 9.53 -22.26
N THR B 97 47.10 8.57 -21.35
CA THR B 97 47.62 7.24 -21.58
C THR B 97 46.55 6.39 -22.24
N SER B 98 46.97 5.50 -23.13
CA SER B 98 46.02 4.67 -23.85
C SER B 98 46.56 3.25 -24.01
N ASN B 99 45.64 2.29 -24.18
CA ASN B 99 46.02 0.90 -24.36
C ASN B 99 46.93 0.34 -23.27
N PHE B 100 46.43 0.23 -22.05
CA PHE B 100 47.25 -0.34 -20.98
C PHE B 100 46.38 -1.04 -19.97
N GLY B 101 46.98 -1.75 -19.03
CA GLY B 101 46.20 -2.45 -18.04
C GLY B 101 46.96 -3.65 -17.51
N MET B 102 46.27 -4.53 -16.80
CA MET B 102 46.92 -5.70 -16.24
C MET B 102 46.00 -6.89 -16.16
N ARG B 103 46.60 -8.07 -15.94
CA ARG B 103 45.81 -9.28 -15.83
C ARG B 103 46.49 -10.36 -15.01
N ASP B 104 45.66 -11.18 -14.37
CA ASP B 104 46.14 -12.31 -13.61
C ASP B 104 47.28 -12.01 -12.66
N LEU B 105 46.98 -11.23 -11.63
CA LEU B 105 47.97 -10.88 -10.62
C LEU B 105 47.26 -10.25 -9.42
N THR B 106 47.96 -10.17 -8.29
CA THR B 106 47.42 -9.60 -7.07
C THR B 106 48.31 -8.47 -6.61
N LEU B 107 47.69 -7.37 -6.19
CA LEU B 107 48.42 -6.21 -5.66
C LEU B 107 48.12 -6.20 -4.16
N ASP B 108 49.17 -6.11 -3.34
CA ASP B 108 48.99 -6.14 -1.89
C ASP B 108 49.57 -4.87 -1.29
N GLY B 109 48.70 -4.07 -0.66
CA GLY B 109 49.12 -2.82 -0.07
C GLY B 109 49.89 -3.04 1.22
N ASN B 110 49.75 -4.23 1.78
CA ASN B 110 50.44 -4.59 3.01
C ASN B 110 50.25 -3.48 4.05
N ARG B 111 48.98 -3.17 4.33
CA ARG B 111 48.64 -2.09 5.24
C ARG B 111 48.89 -2.42 6.70
N ASP B 112 48.92 -3.69 7.04
CA ASP B 112 49.17 -4.04 8.42
C ASP B 112 50.61 -3.68 8.80
N ASN B 113 51.51 -3.62 7.82
CA ASN B 113 52.91 -3.33 8.09
C ASN B 113 53.42 -2.07 7.42
N THR B 114 52.54 -1.11 7.16
CA THR B 114 52.94 0.16 6.54
C THR B 114 52.17 1.35 7.08
N SER B 115 52.48 2.53 6.57
CA SER B 115 51.81 3.76 6.96
C SER B 115 51.58 4.64 5.74
N GLY B 116 50.55 5.47 5.79
CA GLY B 116 50.23 6.35 4.68
C GLY B 116 49.09 5.81 3.84
N LYS B 117 48.41 6.70 3.12
CA LYS B 117 47.30 6.26 2.30
C LYS B 117 47.76 5.71 0.95
N VAL B 118 47.78 4.39 0.87
CA VAL B 118 48.17 3.66 -0.33
C VAL B 118 46.92 3.18 -1.08
N ASP B 119 46.94 3.31 -2.40
CA ASP B 119 45.82 2.88 -3.24
C ASP B 119 46.34 1.85 -4.27
N GLY B 120 45.57 0.78 -4.47
CA GLY B 120 46.00 -0.27 -5.39
C GLY B 120 46.28 0.18 -6.81
N TRP B 121 45.22 0.54 -7.51
CA TRP B 121 45.29 1.01 -8.88
C TRP B 121 44.81 2.45 -8.99
N PHE B 122 45.47 3.23 -9.84
CA PHE B 122 45.08 4.61 -10.07
C PHE B 122 45.43 5.01 -11.49
N ASN B 123 44.52 5.71 -12.16
CA ASN B 123 44.82 6.20 -13.50
C ASN B 123 43.93 7.38 -13.84
N GLY B 124 44.34 8.16 -14.83
CA GLY B 124 43.55 9.30 -15.23
C GLY B 124 44.40 10.48 -15.65
N TYR B 125 43.80 11.37 -16.43
CA TYR B 125 44.48 12.56 -16.93
C TYR B 125 44.67 13.65 -15.87
N ILE B 126 43.77 14.62 -15.89
CA ILE B 126 43.82 15.73 -14.96
C ILE B 126 42.47 15.94 -14.29
N PRO B 127 42.42 15.83 -12.95
CA PRO B 127 41.14 16.03 -12.25
C PRO B 127 40.69 17.47 -12.45
N GLY B 128 39.63 17.67 -13.23
CA GLY B 128 39.14 19.00 -13.48
C GLY B 128 39.59 19.51 -14.83
N GLY B 129 40.53 18.79 -15.44
CA GLY B 129 41.03 19.16 -16.75
C GLY B 129 40.37 18.43 -17.90
N ASP B 130 40.68 18.87 -19.12
CA ASP B 130 40.13 18.27 -20.33
C ASP B 130 41.10 17.26 -20.95
N GLY B 131 40.68 16.00 -20.95
CA GLY B 131 41.53 14.95 -21.48
C GLY B 131 41.27 13.70 -20.65
N ALA B 132 41.71 12.55 -21.14
CA ALA B 132 41.45 11.31 -20.43
C ALA B 132 42.35 10.15 -20.87
N ASP B 133 42.41 9.11 -20.05
CA ASP B 133 43.13 7.91 -20.39
C ASP B 133 42.11 7.17 -21.25
N ARG B 134 42.56 6.27 -22.11
CA ARG B 134 41.63 5.56 -22.97
C ARG B 134 41.98 4.09 -23.15
N ASP B 135 40.97 3.26 -23.34
CA ASP B 135 41.17 1.84 -23.57
C ASP B 135 42.05 1.17 -22.51
N VAL B 136 41.60 1.24 -21.27
CA VAL B 136 42.29 0.61 -20.14
C VAL B 136 41.63 -0.72 -19.86
N THR B 137 42.45 -1.77 -19.71
CA THR B 137 41.90 -3.10 -19.47
C THR B 137 42.49 -3.83 -18.29
N ILE B 138 41.64 -4.10 -17.30
CA ILE B 138 42.02 -4.83 -16.10
C ILE B 138 41.22 -6.14 -16.06
N GLU B 139 41.93 -7.26 -15.99
CA GLU B 139 41.32 -8.58 -16.00
C GLU B 139 41.83 -9.47 -14.90
N ARG B 140 40.93 -10.26 -14.34
CA ARG B 140 41.31 -11.17 -13.27
C ARG B 140 42.44 -10.63 -12.39
N VAL B 141 42.18 -9.52 -11.72
CA VAL B 141 43.13 -8.93 -10.78
C VAL B 141 42.54 -8.84 -9.38
N GLU B 142 43.36 -9.13 -8.39
CA GLU B 142 42.94 -9.10 -6.99
C GLU B 142 43.66 -7.95 -6.30
N VAL B 143 42.91 -7.04 -5.68
CA VAL B 143 43.52 -5.94 -4.95
C VAL B 143 43.11 -6.07 -3.50
N ARG B 144 44.10 -6.19 -2.61
CA ARG B 144 43.84 -6.38 -1.19
C ARG B 144 44.85 -5.62 -0.32
N GLU B 145 44.47 -5.42 0.94
CA GLU B 145 45.31 -4.76 1.94
C GLU B 145 45.78 -3.33 1.66
N MET B 146 45.08 -2.58 0.84
CA MET B 146 45.43 -1.19 0.60
C MET B 146 44.85 -0.40 1.78
N SER B 147 45.58 0.58 2.28
CA SER B 147 45.06 1.37 3.38
C SER B 147 44.11 2.40 2.80
N GLY B 148 44.03 2.43 1.47
CA GLY B 148 43.15 3.38 0.78
C GLY B 148 42.13 2.69 -0.11
N TYR B 149 42.10 3.04 -1.39
CA TYR B 149 41.15 2.41 -2.32
C TYR B 149 41.73 1.15 -2.96
N GLY B 150 40.84 0.21 -3.31
CA GLY B 150 41.28 -0.98 -4.02
C GLY B 150 41.61 -0.57 -5.43
N PHE B 151 40.62 -0.62 -6.33
CA PHE B 151 40.82 -0.16 -7.69
C PHE B 151 40.36 1.28 -7.69
N ASP B 152 41.11 2.18 -8.32
CA ASP B 152 40.71 3.57 -8.31
C ASP B 152 40.81 4.29 -9.66
N PRO B 153 40.14 3.76 -10.72
CA PRO B 153 40.22 4.45 -12.00
C PRO B 153 39.70 5.87 -11.81
N HIS B 154 40.57 6.86 -12.00
CA HIS B 154 40.21 8.26 -11.75
C HIS B 154 39.91 9.14 -12.95
N GLU B 155 39.52 10.38 -12.66
CA GLU B 155 39.16 11.36 -13.69
C GLU B 155 40.29 11.77 -14.62
N GLN B 156 40.14 11.48 -15.91
CA GLN B 156 38.96 10.75 -16.37
C GLN B 156 39.38 9.66 -17.33
N THR B 157 38.65 8.56 -17.33
CA THR B 157 38.98 7.42 -18.16
C THR B 157 37.85 7.16 -19.13
N ILE B 158 38.20 6.87 -20.37
CA ILE B 158 37.21 6.61 -21.39
C ILE B 158 37.40 5.21 -21.90
N ASN B 159 36.31 4.47 -21.96
CA ASN B 159 36.33 3.10 -22.45
C ASN B 159 37.21 2.20 -21.60
N LEU B 160 36.92 2.15 -20.30
CA LEU B 160 37.66 1.31 -19.37
C LEU B 160 36.88 0.05 -19.11
N THR B 161 37.57 -1.07 -18.94
CA THR B 161 36.93 -2.35 -18.65
C THR B 161 37.66 -3.03 -17.50
N ILE B 162 36.92 -3.37 -16.44
CA ILE B 162 37.49 -4.12 -15.33
C ILE B 162 36.58 -5.30 -15.14
N ARG B 163 37.06 -6.49 -15.47
CA ARG B 163 36.24 -7.68 -15.33
C ARG B 163 36.90 -8.83 -14.58
N ASP B 164 36.04 -9.65 -13.97
CA ASP B 164 36.45 -10.83 -13.21
C ASP B 164 37.55 -10.56 -12.18
N SER B 165 37.48 -9.39 -11.56
CA SER B 165 38.45 -9.01 -10.55
C SER B 165 37.86 -9.03 -9.14
N VAL B 166 38.70 -8.89 -8.13
CA VAL B 166 38.23 -8.88 -6.76
C VAL B 166 38.96 -7.82 -5.97
N ALA B 167 38.25 -7.15 -5.08
CA ALA B 167 38.84 -6.14 -4.20
C ALA B 167 38.32 -6.44 -2.81
N HIS B 168 39.23 -6.68 -1.87
CA HIS B 168 38.82 -6.99 -0.52
C HIS B 168 39.84 -6.55 0.50
N ASP B 169 39.40 -6.37 1.73
CA ASP B 169 40.27 -5.97 2.81
C ASP B 169 41.04 -4.68 2.53
N ASN B 170 40.31 -3.65 2.11
CA ASN B 170 40.95 -2.38 1.83
C ASN B 170 40.49 -1.30 2.81
N GLY B 171 41.26 -0.23 2.91
CA GLY B 171 40.94 0.85 3.83
C GLY B 171 39.67 1.58 3.51
N LEU B 172 39.48 1.93 2.25
CA LEU B 172 38.29 2.67 1.83
C LEU B 172 37.36 1.79 0.99
N ASP B 173 37.17 2.16 -0.26
CA ASP B 173 36.28 1.42 -1.14
C ASP B 173 36.99 0.38 -1.99
N GLY B 174 36.28 -0.71 -2.33
CA GLY B 174 36.86 -1.77 -3.13
C GLY B 174 37.10 -1.30 -4.55
N PHE B 175 36.05 -0.80 -5.17
CA PHE B 175 36.14 -0.28 -6.53
C PHE B 175 35.57 1.14 -6.53
N VAL B 176 36.25 2.05 -7.22
CA VAL B 176 35.75 3.41 -7.37
C VAL B 176 35.72 3.76 -8.85
N ALA B 177 34.58 4.22 -9.33
CA ALA B 177 34.45 4.64 -10.72
C ALA B 177 34.38 6.15 -10.67
N ASP B 178 35.53 6.79 -10.53
CA ASP B 178 35.59 8.25 -10.43
C ASP B 178 35.74 8.92 -11.79
N TYR B 179 34.61 9.34 -12.35
CA TYR B 179 34.52 10.00 -13.65
C TYR B 179 34.98 9.12 -14.81
N LEU B 180 34.25 8.03 -15.01
CA LEU B 180 34.55 7.08 -16.08
C LEU B 180 33.49 7.34 -17.14
N VAL B 181 33.83 7.08 -18.40
CA VAL B 181 32.89 7.28 -19.49
C VAL B 181 32.96 6.10 -20.44
N ASP B 182 31.79 5.66 -20.89
CA ASP B 182 31.72 4.51 -21.78
C ASP B 182 32.60 3.39 -21.25
N SER B 183 32.40 3.02 -20.00
CA SER B 183 33.19 1.96 -19.40
C SER B 183 32.34 0.82 -18.88
N VAL B 184 32.99 -0.23 -18.37
CA VAL B 184 32.27 -1.38 -17.87
C VAL B 184 32.95 -2.10 -16.72
N PHE B 185 32.15 -2.49 -15.74
CA PHE B 185 32.58 -3.29 -14.59
C PHE B 185 31.77 -4.57 -14.74
N GLU B 186 32.42 -5.73 -14.81
CA GLU B 186 31.64 -6.94 -14.98
C GLU B 186 32.19 -8.16 -14.23
N ASN B 187 31.28 -8.86 -13.55
CA ASN B 187 31.61 -10.04 -12.76
C ASN B 187 32.69 -9.76 -11.73
N ASN B 188 32.61 -8.60 -11.09
CA ASN B 188 33.60 -8.25 -10.07
C ASN B 188 33.06 -8.53 -8.70
N VAL B 189 33.97 -8.66 -7.73
CA VAL B 189 33.56 -8.93 -6.37
C VAL B 189 34.32 -8.10 -5.36
N ALA B 190 33.57 -7.38 -4.54
CA ALA B 190 34.17 -6.57 -3.49
C ALA B 190 33.57 -7.02 -2.16
N TYR B 191 34.45 -7.32 -1.19
CA TYR B 191 34.03 -7.72 0.14
C TYR B 191 35.07 -7.32 1.17
N ALA B 192 34.67 -7.21 2.43
CA ALA B 192 35.59 -6.89 3.51
C ALA B 192 36.24 -5.52 3.39
N ASN B 193 35.69 -4.67 2.54
CA ASN B 193 36.26 -3.33 2.42
C ASN B 193 35.73 -2.48 3.55
N ASP B 194 36.61 -1.72 4.18
CA ASP B 194 36.22 -0.93 5.33
C ASP B 194 35.06 0.03 5.07
N ARG B 195 34.99 0.57 3.85
CA ARG B 195 33.88 1.46 3.48
C ARG B 195 32.98 0.80 2.44
N HIS B 196 32.76 1.44 1.30
CA HIS B 196 31.88 0.87 0.27
C HIS B 196 32.53 -0.25 -0.55
N GLY B 197 31.70 -1.11 -1.13
CA GLY B 197 32.21 -2.15 -2.01
C GLY B 197 32.51 -1.49 -3.34
N PHE B 198 31.50 -0.83 -3.90
CA PHE B 198 31.63 -0.11 -5.17
C PHE B 198 31.17 1.33 -4.91
N ASN B 199 31.96 2.31 -5.34
CA ASN B 199 31.61 3.72 -5.15
C ASN B 199 31.73 4.55 -6.44
N VAL B 200 30.60 4.72 -7.14
CA VAL B 200 30.58 5.47 -8.40
C VAL B 200 30.43 6.95 -8.07
N VAL B 201 31.43 7.75 -8.42
CA VAL B 201 31.43 9.17 -8.07
C VAL B 201 32.06 10.10 -9.10
N THR B 202 31.66 11.37 -9.04
CA THR B 202 32.23 12.42 -9.87
C THR B 202 31.92 12.39 -11.37
N SER B 203 30.66 12.56 -11.73
CA SER B 203 30.24 12.65 -13.13
C SER B 203 30.30 11.42 -14.02
N THR B 204 30.52 10.23 -13.44
CA THR B 204 30.56 9.03 -14.27
C THR B 204 29.28 8.93 -15.04
N HIS B 205 29.36 8.65 -16.33
CA HIS B 205 28.15 8.50 -17.13
C HIS B 205 28.34 7.50 -18.25
N ASP B 206 27.24 6.97 -18.76
CA ASP B 206 27.23 5.95 -19.81
C ASP B 206 28.16 4.82 -19.35
N PHE B 207 27.82 4.28 -18.18
CA PHE B 207 28.58 3.25 -17.50
C PHE B 207 27.71 2.01 -17.23
N VAL B 208 28.27 0.82 -17.40
CA VAL B 208 27.52 -0.41 -17.14
C VAL B 208 28.17 -1.28 -16.06
N MET B 209 27.36 -1.76 -15.12
CA MET B 209 27.84 -2.64 -14.04
C MET B 209 27.06 -3.96 -14.10
N THR B 210 27.67 -4.98 -14.69
CA THR B 210 26.99 -6.26 -14.88
C THR B 210 27.45 -7.37 -13.95
N ASN B 211 26.49 -8.02 -13.30
CA ASN B 211 26.80 -9.17 -12.46
C ASN B 211 27.86 -8.94 -11.40
N ASN B 212 27.85 -7.78 -10.78
CA ASN B 212 28.83 -7.55 -9.73
C ASN B 212 28.24 -7.99 -8.39
N VAL B 213 29.13 -8.25 -7.44
CA VAL B 213 28.74 -8.70 -6.12
C VAL B 213 29.51 -7.94 -5.04
N ALA B 214 28.78 -7.40 -4.07
CA ALA B 214 29.42 -6.68 -2.98
C ALA B 214 28.81 -7.16 -1.68
N TYR B 215 29.64 -7.74 -0.80
CA TYR B 215 29.14 -8.17 0.51
C TYR B 215 30.13 -7.90 1.62
N GLY B 216 29.62 -7.86 2.84
CA GLY B 216 30.43 -7.62 4.01
C GLY B 216 31.31 -6.39 3.99
N ASN B 217 30.77 -5.28 3.49
CA ASN B 217 31.54 -4.03 3.43
C ASN B 217 31.14 -3.13 4.58
N GLY B 218 32.03 -2.20 4.95
CA GLY B 218 31.77 -1.30 6.06
C GLY B 218 30.64 -0.30 5.88
N SER B 219 30.38 0.11 4.65
CA SER B 219 29.31 1.06 4.35
C SER B 219 28.26 0.35 3.51
N SER B 220 27.93 0.91 2.35
CA SER B 220 26.96 0.27 1.48
C SER B 220 27.67 -0.73 0.58
N GLY B 221 26.89 -1.49 -0.18
CA GLY B 221 27.47 -2.45 -1.10
C GLY B 221 27.95 -1.71 -2.32
N LEU B 222 27.02 -1.03 -2.97
CA LEU B 222 27.28 -0.23 -4.15
C LEU B 222 26.73 1.18 -3.94
N VAL B 223 27.53 2.19 -4.23
CA VAL B 223 27.06 3.56 -4.05
C VAL B 223 27.28 4.42 -5.29
N VAL B 224 26.21 5.05 -5.75
CA VAL B 224 26.31 5.98 -6.86
C VAL B 224 26.01 7.35 -6.25
N GLN B 225 26.98 8.26 -6.35
CA GLN B 225 26.80 9.57 -5.74
C GLN B 225 27.56 10.71 -6.41
N ARG B 226 27.11 11.94 -6.14
CA ARG B 226 27.70 13.12 -6.72
C ARG B 226 29.14 13.34 -6.26
N GLY B 227 29.35 13.25 -4.96
CA GLY B 227 30.66 13.51 -4.43
C GLY B 227 30.68 14.84 -3.70
N LEU B 228 31.74 15.06 -2.92
CA LEU B 228 31.90 16.27 -2.11
C LEU B 228 31.77 17.57 -2.90
N GLU B 229 32.36 17.60 -4.10
CA GLU B 229 32.32 18.81 -4.93
C GLU B 229 31.01 19.01 -5.69
N ASP B 230 30.67 20.27 -5.94
CA ASP B 230 29.46 20.61 -6.69
C ASP B 230 29.70 20.26 -8.16
N LEU B 231 30.01 19.00 -8.40
CA LEU B 231 30.29 18.55 -9.75
C LEU B 231 29.00 18.09 -10.41
N ALA B 232 29.07 17.78 -11.69
CA ALA B 232 27.91 17.28 -12.40
C ALA B 232 27.59 15.95 -11.73
N LEU B 233 26.31 15.59 -11.74
CA LEU B 233 25.87 14.36 -11.13
C LEU B 233 26.11 13.17 -12.06
N PRO B 234 26.51 12.02 -11.51
CA PRO B 234 26.73 10.84 -12.33
C PRO B 234 25.38 10.51 -12.96
N SER B 235 25.37 9.96 -14.18
CA SER B 235 24.09 9.62 -14.78
C SER B 235 24.18 8.59 -15.88
N ASN B 236 23.02 8.18 -16.36
CA ASN B 236 22.87 7.16 -17.39
C ASN B 236 23.75 5.94 -17.08
N ILE B 237 23.41 5.29 -15.97
CA ILE B 237 24.14 4.14 -15.48
C ILE B 237 23.20 2.95 -15.35
N LEU B 238 23.67 1.78 -15.74
CA LEU B 238 22.89 0.56 -15.63
C LEU B 238 23.56 -0.37 -14.68
N ILE B 239 22.84 -0.79 -13.64
CA ILE B 239 23.33 -1.78 -12.67
C ILE B 239 22.42 -2.95 -12.96
N ASP B 240 22.97 -3.96 -13.62
CA ASP B 240 22.19 -5.10 -14.07
C ASP B 240 22.70 -6.43 -13.55
N GLY B 241 21.89 -7.06 -12.70
CA GLY B 241 22.26 -8.35 -12.14
C GLY B 241 23.23 -8.19 -11.00
N GLY B 242 23.69 -9.30 -10.45
CA GLY B 242 24.62 -9.23 -9.34
C GLY B 242 23.92 -9.37 -8.01
N ALA B 243 24.64 -9.08 -6.94
CA ALA B 243 24.11 -9.17 -5.59
C ALA B 243 24.89 -8.28 -4.63
N TYR B 244 24.15 -7.47 -3.87
CA TYR B 244 24.72 -6.58 -2.88
C TYR B 244 24.04 -6.94 -1.57
N TYR B 245 24.76 -7.67 -0.72
CA TYR B 245 24.20 -8.16 0.52
C TYR B 245 25.11 -8.15 1.74
N ASP B 246 24.52 -8.45 2.89
CA ASP B 246 25.23 -8.49 4.17
C ASP B 246 26.23 -7.36 4.33
N ASN B 247 25.79 -6.14 4.03
CA ASN B 247 26.64 -4.96 4.17
C ASN B 247 26.25 -4.20 5.43
N ALA B 248 27.13 -3.33 5.91
CA ALA B 248 26.84 -2.56 7.11
C ALA B 248 25.65 -1.64 6.92
N ARG B 249 25.67 -0.85 5.84
CA ARG B 249 24.58 0.08 5.57
C ARG B 249 23.65 -0.43 4.49
N GLU B 250 23.42 0.37 3.45
CA GLU B 250 22.51 -0.01 2.35
C GLU B 250 23.08 -0.97 1.32
N GLY B 251 22.20 -1.74 0.68
CA GLY B 251 22.63 -2.62 -0.38
C GLY B 251 23.13 -1.73 -1.50
N VAL B 252 22.21 -0.89 -1.98
CA VAL B 252 22.51 0.09 -3.03
C VAL B 252 22.06 1.48 -2.55
N LEU B 253 22.94 2.47 -2.69
CA LEU B 253 22.63 3.86 -2.31
C LEU B 253 22.81 4.77 -3.51
N LEU B 254 21.74 5.45 -3.90
CA LEU B 254 21.77 6.36 -5.04
C LEU B 254 21.56 7.80 -4.54
N LYS B 255 22.65 8.53 -4.33
CA LYS B 255 22.60 9.89 -3.81
C LYS B 255 23.00 10.99 -4.81
N MET B 256 22.09 11.93 -5.04
CA MET B 256 22.36 13.05 -5.95
C MET B 256 22.89 12.56 -7.31
N THR B 257 22.05 11.81 -8.00
CA THR B 257 22.40 11.26 -9.30
C THR B 257 21.09 11.24 -10.10
N SER B 258 21.13 10.71 -11.31
CA SER B 258 19.91 10.63 -12.11
C SER B 258 20.06 9.63 -13.24
N ASP B 259 18.92 9.17 -13.75
CA ASP B 259 18.88 8.21 -14.84
C ASP B 259 19.74 7.01 -14.49
N ILE B 260 19.47 6.42 -13.32
CA ILE B 260 20.17 5.23 -12.84
C ILE B 260 19.18 4.06 -12.94
N THR B 261 19.65 2.91 -13.43
CA THR B 261 18.79 1.72 -13.54
C THR B 261 19.38 0.54 -12.77
N LEU B 262 18.59 0.02 -11.83
CA LEU B 262 18.98 -1.14 -11.01
C LEU B 262 17.98 -2.23 -11.32
N GLN B 263 18.46 -3.36 -11.85
CA GLN B 263 17.58 -4.45 -12.24
C GLN B 263 18.17 -5.84 -12.11
N ASN B 264 17.30 -6.79 -11.79
CA ASN B 264 17.65 -8.20 -11.67
C ASN B 264 18.70 -8.47 -10.62
N ALA B 265 18.80 -7.63 -9.61
CA ALA B 265 19.78 -7.86 -8.58
C ALA B 265 19.16 -8.59 -7.39
N ASP B 266 20.01 -9.16 -6.55
CA ASP B 266 19.56 -9.84 -5.34
C ASP B 266 20.14 -8.99 -4.22
N ILE B 267 19.27 -8.26 -3.54
CA ILE B 267 19.68 -7.38 -2.45
C ILE B 267 19.06 -7.81 -1.11
N HIS B 268 19.91 -8.25 -0.18
CA HIS B 268 19.45 -8.73 1.14
C HIS B 268 20.48 -8.66 2.29
N GLY B 269 19.99 -8.91 3.49
CA GLY B 269 20.84 -8.96 4.67
C GLY B 269 21.65 -7.72 5.01
N ASN B 270 21.28 -6.58 4.44
CA ASN B 270 22.03 -5.36 4.71
C ASN B 270 21.57 -4.68 6.01
N GLY B 271 22.46 -3.89 6.60
CA GLY B 271 22.14 -3.16 7.81
C GLY B 271 20.98 -2.20 7.67
N SER B 272 21.06 -1.26 6.72
CA SER B 272 19.97 -0.33 6.47
C SER B 272 19.05 -0.87 5.40
N SER B 273 18.39 0.03 4.69
CA SER B 273 17.47 -0.36 3.63
C SER B 273 18.21 -1.12 2.54
N GLY B 274 17.49 -1.94 1.79
CA GLY B 274 18.12 -2.67 0.70
C GLY B 274 18.53 -1.70 -0.38
N VAL B 275 17.58 -0.87 -0.79
CA VAL B 275 17.83 0.16 -1.81
C VAL B 275 17.33 1.49 -1.29
N ARG B 276 18.24 2.45 -1.17
CA ARG B 276 17.89 3.78 -0.68
C ARG B 276 18.13 4.86 -1.73
N VAL B 277 17.06 5.52 -2.17
CA VAL B 277 17.18 6.61 -3.14
C VAL B 277 17.21 7.91 -2.34
N TYR B 278 18.27 8.69 -2.50
CA TYR B 278 18.48 9.91 -1.73
C TYR B 278 18.71 11.14 -2.62
N GLY B 279 17.62 11.80 -3.00
CA GLY B 279 17.74 12.98 -3.83
C GLY B 279 18.25 12.62 -5.21
N ALA B 280 17.48 11.80 -5.92
CA ALA B 280 17.85 11.34 -7.24
C ALA B 280 16.62 11.31 -8.14
N GLN B 281 16.81 11.54 -9.44
CA GLN B 281 15.68 11.56 -10.36
C GLN B 281 15.79 10.49 -11.44
N ASP B 282 14.65 10.10 -11.99
CA ASP B 282 14.61 9.13 -13.06
C ASP B 282 15.28 7.83 -12.71
N VAL B 283 15.10 7.37 -11.48
CA VAL B 283 15.70 6.11 -11.08
C VAL B 283 14.72 4.98 -11.37
N GLN B 284 15.24 3.93 -11.98
CA GLN B 284 14.44 2.76 -12.32
C GLN B 284 14.93 1.56 -11.53
N ILE B 285 14.05 1.00 -10.71
CA ILE B 285 14.34 -0.18 -9.89
C ILE B 285 13.39 -1.26 -10.41
N LEU B 286 13.94 -2.20 -11.20
CA LEU B 286 13.10 -3.22 -11.85
C LEU B 286 13.48 -4.67 -11.59
N ASP B 287 12.46 -5.51 -11.41
CA ASP B 287 12.60 -6.96 -11.18
C ASP B 287 13.71 -7.42 -10.25
N ASN B 288 13.92 -6.71 -9.15
CA ASN B 288 14.95 -7.10 -8.22
C ASN B 288 14.38 -7.94 -7.08
N GLN B 289 15.28 -8.64 -6.40
CA GLN B 289 14.92 -9.40 -5.23
C GLN B 289 15.51 -8.62 -4.08
N ILE B 290 14.64 -7.90 -3.37
CA ILE B 290 15.02 -7.07 -2.22
C ILE B 290 14.30 -7.68 -1.03
N HIS B 291 15.04 -8.38 -0.18
CA HIS B 291 14.40 -9.06 0.93
C HIS B 291 15.28 -9.17 2.15
N ASP B 292 14.65 -9.14 3.30
CA ASP B 292 15.36 -9.32 4.55
C ASP B 292 16.48 -8.33 4.86
N ASN B 293 16.22 -7.04 4.67
CA ASN B 293 17.24 -6.05 5.01
C ASN B 293 16.93 -5.42 6.37
N ALA B 294 17.41 -4.21 6.62
CA ALA B 294 17.13 -3.56 7.90
C ALA B 294 17.58 -4.45 9.05
N GLN B 295 18.82 -4.92 8.99
CA GLN B 295 19.35 -5.81 10.00
C GLN B 295 19.80 -5.09 11.24
N ALA B 296 20.17 -3.82 11.09
CA ALA B 296 20.67 -3.07 12.23
C ALA B 296 19.87 -1.82 12.53
N ALA B 297 18.73 -1.66 11.85
CA ALA B 297 17.92 -0.47 12.05
C ALA B 297 16.48 -0.71 11.61
N ALA B 298 15.57 0.07 12.19
CA ALA B 298 14.18 0.00 11.78
C ALA B 298 14.10 0.94 10.59
N VAL B 299 14.27 0.37 9.40
CA VAL B 299 14.26 1.14 8.18
C VAL B 299 13.44 0.35 7.16
N PRO B 300 13.05 0.97 6.02
CA PRO B 300 12.26 0.25 5.03
C PRO B 300 13.16 -0.50 4.07
N GLU B 301 12.60 -1.47 3.36
CA GLU B 301 13.37 -2.23 2.39
C GLU B 301 13.83 -1.32 1.24
N VAL B 302 12.92 -0.45 0.80
CA VAL B 302 13.22 0.51 -0.26
C VAL B 302 12.87 1.88 0.30
N LEU B 303 13.87 2.70 0.60
CA LEU B 303 13.64 4.04 1.12
C LEU B 303 13.76 5.08 0.00
N LEU B 304 12.84 6.03 -0.02
CA LEU B 304 12.87 7.07 -1.03
C LEU B 304 12.80 8.42 -0.35
N GLN B 305 13.80 9.27 -0.57
CA GLN B 305 13.77 10.59 0.03
C GLN B 305 14.59 11.62 -0.74
N SER B 306 14.35 12.90 -0.46
CA SER B 306 15.08 13.97 -1.10
C SER B 306 16.26 14.44 -0.26
N PHE B 307 17.24 15.04 -0.93
CA PHE B 307 18.47 15.51 -0.27
C PHE B 307 18.57 17.03 -0.24
N ASP B 308 18.63 17.60 0.94
CA ASP B 308 18.72 19.06 1.07
C ASP B 308 20.18 19.49 1.08
N ASP B 309 20.58 20.25 0.06
CA ASP B 309 21.95 20.73 -0.06
C ASP B 309 21.95 22.25 -0.22
N THR B 310 20.83 22.87 0.12
CA THR B 310 20.71 24.32 0.02
C THR B 310 21.72 25.03 0.92
N ALA B 311 22.37 24.28 1.81
CA ALA B 311 23.37 24.86 2.69
C ALA B 311 24.70 24.16 2.48
N GLY B 312 24.79 23.37 1.43
CA GLY B 312 26.00 22.65 1.14
C GLY B 312 26.66 23.13 -0.14
N ALA B 313 27.56 22.31 -0.66
CA ALA B 313 28.28 22.63 -1.88
C ALA B 313 27.41 23.31 -2.93
N SER B 314 26.28 22.69 -3.28
CA SER B 314 25.42 23.21 -4.34
C SER B 314 24.34 24.27 -4.02
N GLY B 315 23.88 24.30 -2.77
CA GLY B 315 22.83 25.25 -2.43
C GLY B 315 21.54 24.83 -3.11
N THR B 316 21.57 23.64 -3.68
CA THR B 316 20.40 23.09 -4.36
C THR B 316 19.63 22.13 -3.46
N TYR B 317 18.33 22.02 -3.71
CA TYR B 317 17.48 21.09 -2.99
C TYR B 317 17.17 19.96 -3.97
N TYR B 318 17.84 18.82 -3.82
CA TYR B 318 17.63 17.70 -4.73
C TYR B 318 16.34 16.94 -4.42
N THR B 319 15.35 17.16 -5.27
CA THR B 319 14.05 16.52 -5.10
C THR B 319 13.93 15.20 -5.89
N THR B 320 13.82 14.09 -5.18
CA THR B 320 13.63 12.81 -5.83
C THR B 320 12.29 12.82 -6.57
N LEU B 321 12.36 12.73 -7.89
CA LEU B 321 11.18 12.74 -8.71
C LEU B 321 11.22 11.61 -9.71
N ASN B 322 10.04 11.15 -10.12
CA ASN B 322 9.93 10.15 -11.15
C ASN B 322 10.72 8.88 -10.88
N THR B 323 10.46 8.25 -9.75
CA THR B 323 11.12 7.00 -9.40
C THR B 323 10.19 5.89 -9.87
N ARG B 324 10.70 5.01 -10.73
CA ARG B 324 9.89 3.92 -11.27
C ARG B 324 10.29 2.58 -10.63
N ILE B 325 9.44 2.08 -9.75
CA ILE B 325 9.69 0.82 -9.07
C ILE B 325 8.73 -0.22 -9.63
N GLU B 326 9.22 -1.07 -10.54
CA GLU B 326 8.35 -2.06 -11.15
C GLU B 326 8.80 -3.53 -11.12
N GLY B 327 7.88 -4.40 -10.73
CA GLY B 327 8.10 -5.84 -10.75
C GLY B 327 9.09 -6.46 -9.79
N ASN B 328 9.39 -5.79 -8.69
CA ASN B 328 10.32 -6.33 -7.72
C ASN B 328 9.57 -7.26 -6.76
N THR B 329 10.34 -8.03 -5.99
CA THR B 329 9.76 -8.91 -4.99
C THR B 329 10.41 -8.50 -3.68
N ILE B 330 9.68 -7.70 -2.91
CA ILE B 330 10.17 -7.16 -1.66
C ILE B 330 9.63 -7.90 -0.43
N SER B 331 10.56 -8.46 0.35
CA SER B 331 10.22 -9.19 1.56
C SER B 331 11.01 -8.53 2.68
N GLY B 332 10.41 -8.43 3.85
CA GLY B 332 11.11 -7.79 4.95
C GLY B 332 11.66 -8.73 6.00
N SER B 333 12.47 -8.18 6.89
CA SER B 333 13.00 -8.93 8.01
C SER B 333 12.15 -8.44 9.18
N ALA B 334 12.48 -8.87 10.39
CA ALA B 334 11.74 -8.44 11.57
C ALA B 334 11.77 -6.93 11.75
N ASN B 335 12.89 -6.29 11.43
CA ASN B 335 13.05 -4.83 11.59
C ASN B 335 12.45 -3.96 10.48
N SER B 336 12.18 -4.55 9.31
CA SER B 336 11.69 -3.78 8.16
C SER B 336 10.40 -3.03 8.39
N THR B 337 10.48 -1.72 8.51
CA THR B 337 9.30 -0.87 8.76
C THR B 337 8.28 -0.89 7.62
N TYR B 338 8.74 -0.79 6.37
CA TYR B 338 7.86 -0.83 5.21
C TYR B 338 8.49 -1.57 4.05
N GLY B 339 7.68 -1.79 3.02
CA GLY B 339 8.15 -2.41 1.81
C GLY B 339 8.78 -1.27 1.03
N ILE B 340 7.96 -0.26 0.75
CA ILE B 340 8.41 0.91 0.03
C ILE B 340 7.85 2.13 0.75
N GLN B 341 8.75 3.03 1.14
CA GLN B 341 8.35 4.23 1.87
C GLN B 341 9.05 5.49 1.40
N GLU B 342 8.27 6.55 1.20
CA GLU B 342 8.80 7.85 0.81
C GLU B 342 8.83 8.70 2.08
N ARG B 343 9.76 9.65 2.14
CA ARG B 343 9.81 10.58 3.27
C ARG B 343 9.02 11.80 2.85
N ASN B 344 8.50 12.52 3.82
CA ASN B 344 7.70 13.72 3.57
C ASN B 344 8.69 14.85 3.41
N ASP B 345 9.41 14.86 2.29
CA ASP B 345 10.45 15.86 2.05
C ASP B 345 10.45 16.42 0.63
N GLY B 346 9.31 16.28 -0.04
CA GLY B 346 9.23 16.77 -1.39
C GLY B 346 9.30 15.61 -2.36
N THR B 347 9.74 14.46 -1.90
CA THR B 347 9.83 13.29 -2.77
C THR B 347 8.46 13.10 -3.40
N ASP B 348 8.43 13.04 -4.73
CA ASP B 348 7.17 12.93 -5.47
C ASP B 348 7.32 12.09 -6.74
N TYR B 349 6.20 11.90 -7.41
CA TYR B 349 6.10 11.16 -8.65
C TYR B 349 6.75 9.79 -8.66
N SER B 350 6.51 9.00 -7.62
CA SER B 350 7.02 7.65 -7.58
C SER B 350 5.99 6.75 -8.27
N SER B 351 6.44 5.72 -8.97
CA SER B 351 5.51 4.79 -9.60
C SER B 351 5.76 3.37 -9.13
N LEU B 352 4.88 2.89 -8.27
CA LEU B 352 5.01 1.54 -7.76
C LEU B 352 4.10 0.62 -8.58
N ILE B 353 4.68 0.00 -9.62
CA ILE B 353 3.94 -0.88 -10.52
C ILE B 353 4.26 -2.34 -10.26
N ASP B 354 3.23 -3.19 -10.29
CA ASP B 354 3.33 -4.64 -10.09
C ASP B 354 4.36 -5.17 -9.11
N ASN B 355 4.43 -4.58 -7.92
CA ASN B 355 5.36 -5.05 -6.91
C ASN B 355 4.68 -6.01 -5.94
N ASP B 356 5.39 -7.08 -5.57
CA ASP B 356 4.86 -8.05 -4.62
C ASP B 356 5.50 -7.81 -3.24
N ILE B 357 4.76 -7.16 -2.35
CA ILE B 357 5.29 -6.89 -1.00
C ILE B 357 4.76 -7.89 0.03
N ALA B 358 5.56 -8.14 1.07
CA ALA B 358 5.18 -9.07 2.14
C ALA B 358 6.27 -9.25 3.19
N GLY B 359 5.88 -9.69 4.37
CA GLY B 359 6.86 -9.90 5.42
C GLY B 359 7.37 -8.61 6.02
N VAL B 360 6.64 -7.52 5.79
CA VAL B 360 7.03 -6.23 6.34
C VAL B 360 5.93 -5.70 7.25
N GLN B 361 6.30 -4.79 8.15
CA GLN B 361 5.37 -4.21 9.11
C GLN B 361 4.20 -3.52 8.45
N GLN B 362 4.50 -2.79 7.38
CA GLN B 362 3.47 -2.11 6.61
C GLN B 362 3.93 -2.06 5.17
N PRO B 363 3.01 -2.34 4.23
CA PRO B 363 3.26 -2.36 2.79
C PRO B 363 3.91 -1.12 2.15
N ILE B 364 3.15 -0.03 2.11
CA ILE B 364 3.59 1.19 1.43
C ILE B 364 3.21 2.47 2.18
N GLN B 365 4.11 3.45 2.18
CA GLN B 365 3.81 4.76 2.74
C GLN B 365 4.21 5.83 1.72
N LEU B 366 3.21 6.57 1.24
CA LEU B 366 3.42 7.60 0.24
C LEU B 366 3.14 8.98 0.78
N TYR B 367 3.93 9.96 0.35
CA TYR B 367 3.71 11.34 0.74
C TYR B 367 3.54 12.17 -0.53
N GLY B 368 4.35 11.88 -1.54
CA GLY B 368 4.25 12.63 -2.79
C GLY B 368 2.84 12.63 -3.31
N PRO B 369 2.18 13.78 -3.37
CA PRO B 369 0.80 13.85 -3.85
C PRO B 369 0.62 13.28 -5.24
N HIS B 370 1.73 13.04 -5.94
CA HIS B 370 1.65 12.53 -7.30
C HIS B 370 2.11 11.08 -7.45
N SER B 371 2.65 10.52 -6.37
CA SER B 371 3.06 9.12 -6.40
C SER B 371 1.82 8.29 -6.64
N THR B 372 1.99 7.15 -7.28
CA THR B 372 0.87 6.29 -7.58
C THR B 372 1.25 4.83 -7.34
N VAL B 373 0.27 3.94 -7.45
CA VAL B 373 0.46 2.50 -7.24
C VAL B 373 -0.42 1.77 -8.26
N SER B 374 0.12 0.73 -8.89
CA SER B 374 -0.70 0.02 -9.86
C SER B 374 -0.32 -1.43 -9.98
N GLY B 375 -1.13 -2.18 -10.72
CA GLY B 375 -0.87 -3.59 -10.89
C GLY B 375 -2.05 -4.41 -10.43
N GLU B 376 -2.16 -5.63 -10.94
CA GLU B 376 -3.24 -6.52 -10.54
C GLU B 376 -3.17 -6.72 -9.04
N PRO B 377 -4.32 -6.69 -8.35
CA PRO B 377 -4.32 -6.88 -6.90
C PRO B 377 -3.85 -8.29 -6.61
C1 MAV C . 35.80 9.50 -3.61
O1 MAV C . 37.10 9.03 -3.79
C2 MAV C . 35.14 8.75 -2.46
O2 MAV C . 35.92 8.94 -1.28
C3 MAV C . 33.74 9.27 -2.24
O3 MAV C . 33.16 8.61 -1.13
C4 MAV C . 33.78 10.77 -1.97
O4 MAV C . 32.48 11.31 -1.80
C5 MAV C . 34.58 11.50 -3.09
O5 MAV C . 35.88 10.93 -3.29
C6 MAV C . 34.73 13.01 -2.93
O6A MAV C . 35.72 13.38 -2.28
O6B MAV C . 33.81 13.67 -3.50
C1 MAV C . 32.01 11.38 -0.46
C2 MAV C . 30.73 12.20 -0.39
O2 MAV C . 29.75 11.65 -1.25
C3 MAV C . 30.19 12.25 1.10
O3 MAV C . 28.87 12.80 1.11
C4 MAV C . 30.15 10.85 1.73
O4 MAV C . 29.92 10.93 3.15
C5 MAV C . 31.46 10.02 1.40
O5 MAV C . 31.77 10.05 0.01
C6 MAV C . 31.41 8.56 1.87
O6A MAV C . 31.03 7.76 0.97
O6B MAV C . 31.76 8.39 3.05
C1 MAV C . 28.83 10.21 3.65
C2 MAV C . 29.20 9.56 4.96
O2 MAV C . 29.46 10.56 5.96
C3 MAV C . 28.06 8.65 5.41
O3 MAV C . 28.32 8.18 6.72
C4 MAV C . 26.67 9.44 5.39
O4 MAV C . 25.60 8.55 5.44
C5 MAV C . 26.54 10.44 4.15
O5 MAV C . 27.76 11.12 3.87
C6 MAV C . 25.42 11.50 4.32
O6A MAV C . 25.82 12.54 4.90
O6B MAV C . 24.28 11.20 3.83
CA CA D . -48.03 -2.54 -5.76
CA CA E . -40.73 -7.08 24.43
CA CA F . -36.54 -16.62 -6.01
CA CA G . 47.08 9.45 -17.72
CA CA H . 49.22 0.62 9.01
CA CA I . 43.42 -7.11 8.39
CA CA J . 18.56 26.52 3.68
#